data_5BWW
#
_entry.id   5BWW
#
_cell.length_a   69.290
_cell.length_b   106.590
_cell.length_c   106.810
_cell.angle_alpha   90.000
_cell.angle_beta   90.000
_cell.angle_gamma   90.000
#
_symmetry.space_group_name_H-M   'P 21 21 21'
#
loop_
_entity.id
_entity.type
_entity.pdbx_description
1 polymer 'Branched-chain-amino-acid aminotransferase, mitochondrial'
2 non-polymer "PYRIDOXAL-5'-PHOSPHATE"
3 non-polymer 7-oxo-2-[2-oxo-2-(pyrrolidin-1-yl)ethyl]-5-propyl-4,7-dihydropyrazolo[1,5-a]pyrimidine-3-carbonitrile
4 non-polymer 1,2-ETHANEDIOL
5 non-polymer 'CHLORIDE ION'
6 non-polymer GLYCEROL
7 non-polymer 'DIMETHYL SULFOXIDE'
8 water water
#
_entity_poly.entity_id   1
_entity_poly.type   'polypeptide(L)'
_entity_poly.pdbx_seq_one_letter_code
;GSHMASSSFKAADLQLEMTQKPHKKPGPGEPLVFGKTFTDHMLMVEWNDKGWGQPRIQPFQNLTLHPASSSLHYSLQLFE
GMKAFKGKDQQVRLFRPWLNMDRMLRSAMRLCLPSFDKLELLECIRRLIEVDKDWVPDAAGTSLYVRPVLIGNEPSLGVS
QPTRALLFVILCPVGAYFPGGSVTPVSLLADPAFIRAWVGGVGNYKLGGNYGPTVLVQQEALKRGCEQVLWLYGPDHQLT
EVGTMNIFVYWTHEDGVLELVTPPLNGVILPGVVRQSLLDMAQTWGEFRVVERTITMKQLLRALEEGRVREVFGSGTACQ
VCPVHRILYKDRNLHIPTMENGPELILRFQKELKEIQYGIRAHEWMFPV
;
_entity_poly.pdbx_strand_id   A,B
#
# COMPACT_ATOMS: atom_id res chain seq x y z
N SER A 7 -11.13 14.66 20.63
CA SER A 7 -10.86 13.29 21.19
C SER A 7 -11.51 12.17 20.35
N SER A 8 -12.85 12.15 20.31
CA SER A 8 -13.61 11.14 19.54
C SER A 8 -15.02 11.57 19.24
N PHE A 9 -15.55 11.08 18.13
CA PHE A 9 -16.97 11.20 17.84
C PHE A 9 -17.74 10.39 18.88
N LYS A 10 -19.02 10.70 19.04
CA LYS A 10 -19.86 9.97 20.00
C LYS A 10 -21.13 9.48 19.34
N ALA A 11 -21.52 8.25 19.66
CA ALA A 11 -22.76 7.66 19.15
C ALA A 11 -23.96 8.50 19.55
N ALA A 12 -23.88 9.16 20.70
CA ALA A 12 -24.98 10.05 21.16
C ALA A 12 -25.32 11.13 20.15
N ASP A 13 -24.30 11.59 19.42
CA ASP A 13 -24.44 12.68 18.43
C ASP A 13 -24.79 12.21 17.03
N LEU A 14 -25.06 10.91 16.89
CA LEU A 14 -25.40 10.33 15.59
C LEU A 14 -26.53 11.05 14.93
N GLN A 15 -26.32 11.41 13.67
CA GLN A 15 -27.34 12.03 12.85
C GLN A 15 -27.82 10.93 11.92
N LEU A 16 -29.11 10.63 11.93
CA LEU A 16 -29.67 9.59 11.07
C LEU A 16 -30.39 10.19 9.88
N GLU A 17 -29.96 9.81 8.69
CA GLU A 17 -30.64 10.17 7.45
C GLU A 17 -31.09 8.92 6.70
N MET A 18 -32.39 8.64 6.76
CA MET A 18 -32.96 7.48 6.11
C MET A 18 -32.98 7.66 4.60
N THR A 19 -32.85 6.56 3.88
CA THR A 19 -32.83 6.59 2.43
C THR A 19 -34.25 6.85 1.90
N GLN A 20 -34.31 7.52 0.75
CA GLN A 20 -35.57 7.73 0.03
C GLN A 20 -35.66 6.82 -1.19
N LYS A 21 -34.58 6.09 -1.51
CA LYS A 21 -34.53 5.21 -2.66
C LYS A 21 -34.01 3.83 -2.26
N PRO A 22 -34.79 3.08 -1.48
CA PRO A 22 -34.29 1.78 -1.02
C PRO A 22 -34.09 0.81 -2.18
N HIS A 23 -32.94 0.13 -2.20
CA HIS A 23 -32.65 -0.81 -3.27
C HIS A 23 -33.34 -2.15 -3.00
N LYS A 24 -33.60 -2.90 -4.07
CA LYS A 24 -34.22 -4.22 -3.97
C LYS A 24 -33.21 -5.23 -3.41
N LYS A 25 -33.60 -5.94 -2.35
CA LYS A 25 -32.75 -6.96 -1.77
C LYS A 25 -32.62 -8.19 -2.70
N PRO A 26 -31.52 -8.96 -2.55
CA PRO A 26 -31.35 -10.15 -3.40
C PRO A 26 -32.45 -11.21 -3.19
N GLY A 27 -32.77 -11.96 -4.24
CA GLY A 27 -33.80 -13.00 -4.19
C GLY A 27 -33.35 -14.29 -4.86
N PRO A 31 -26.73 -15.63 -7.04
CA PRO A 31 -26.54 -15.82 -5.61
C PRO A 31 -25.73 -14.68 -4.99
N LEU A 32 -25.47 -14.75 -3.69
CA LEU A 32 -24.68 -13.74 -2.99
C LEU A 32 -23.18 -13.91 -3.25
N VAL A 33 -22.65 -13.14 -4.19
CA VAL A 33 -21.22 -13.14 -4.49
C VAL A 33 -20.56 -12.19 -3.48
N PHE A 34 -19.46 -12.62 -2.87
CA PHE A 34 -18.84 -11.86 -1.79
C PHE A 34 -18.50 -10.42 -2.16
N GLY A 35 -18.89 -9.49 -1.29
CA GLY A 35 -18.43 -8.12 -1.40
C GLY A 35 -18.88 -7.32 -2.60
N LYS A 36 -19.97 -7.73 -3.25
CA LYS A 36 -20.45 -6.98 -4.41
C LYS A 36 -21.86 -6.38 -4.28
N THR A 37 -22.58 -6.72 -3.22
CA THR A 37 -23.94 -6.20 -3.01
C THR A 37 -23.98 -5.41 -1.72
N PHE A 38 -24.41 -4.16 -1.75
CA PHE A 38 -24.36 -3.35 -0.55
C PHE A 38 -25.74 -2.98 -0.05
N THR A 39 -25.82 -2.71 1.25
CA THR A 39 -27.08 -2.36 1.91
C THR A 39 -27.47 -0.91 1.60
N ASP A 40 -28.57 -0.45 2.20
CA ASP A 40 -29.09 0.87 1.88
C ASP A 40 -28.36 2.03 2.52
N HIS A 41 -27.73 1.80 3.66
CA HIS A 41 -27.08 2.89 4.41
C HIS A 41 -25.59 2.66 4.69
N MET A 42 -24.90 3.73 5.08
CA MET A 42 -23.49 3.70 5.45
C MET A 42 -23.25 4.62 6.64
N LEU A 43 -22.17 4.38 7.36
CA LEU A 43 -21.74 5.27 8.41
C LEU A 43 -20.69 6.18 7.80
N MET A 44 -20.65 7.43 8.23
CA MET A 44 -19.69 8.40 7.69
C MET A 44 -19.33 9.37 8.80
N VAL A 45 -18.03 9.51 9.06
CA VAL A 45 -17.53 10.47 10.04
C VAL A 45 -16.26 11.10 9.49
N GLU A 46 -16.26 12.44 9.37
CA GLU A 46 -15.09 13.17 8.89
C GLU A 46 -14.26 13.71 10.06
N TRP A 47 -12.96 13.83 9.84
CA TRP A 47 -12.02 14.39 10.82
C TRP A 47 -11.20 15.50 10.15
N ASN A 48 -10.85 16.53 10.90
CA ASN A 48 -9.98 17.62 10.41
C ASN A 48 -9.25 18.28 11.58
N ASP A 49 -8.75 19.50 11.38
CA ASP A 49 -8.05 20.23 12.44
C ASP A 49 -8.94 20.43 13.68
N LYS A 50 -10.24 20.59 13.44
CA LYS A 50 -11.23 20.76 14.51
C LYS A 50 -11.51 19.48 15.30
N GLY A 51 -11.11 18.33 14.76
CA GLY A 51 -11.38 17.04 15.37
C GLY A 51 -12.44 16.31 14.58
N TRP A 52 -13.11 15.38 15.22
CA TRP A 52 -14.13 14.60 14.54
C TRP A 52 -15.44 15.34 14.40
N GLY A 53 -16.06 15.22 13.24
CA GLY A 53 -17.38 15.75 13.03
C GLY A 53 -18.41 14.86 13.71
N GLN A 54 -19.67 15.15 13.46
CA GLN A 54 -20.71 14.30 14.00
C GLN A 54 -20.86 13.10 13.10
N PRO A 55 -21.04 11.93 13.71
CA PRO A 55 -21.22 10.76 12.87
C PRO A 55 -22.60 10.76 12.19
N ARG A 56 -22.67 10.21 11.00
CA ARG A 56 -23.93 10.09 10.32
C ARG A 56 -24.17 8.70 9.76
N ILE A 57 -25.39 8.21 9.92
CA ILE A 57 -25.85 7.10 9.14
C ILE A 57 -26.61 7.78 8.02
N GLN A 58 -26.16 7.53 6.80
CA GLN A 58 -26.75 8.19 5.67
C GLN A 58 -26.93 7.20 4.56
N PRO A 59 -27.67 7.59 3.51
CA PRO A 59 -27.84 6.65 2.40
C PRO A 59 -26.51 6.29 1.75
N PHE A 60 -26.44 5.05 1.26
CA PHE A 60 -25.27 4.56 0.54
C PHE A 60 -25.10 5.49 -0.66
N GLN A 61 -23.89 6.05 -0.78
CA GLN A 61 -23.63 7.02 -1.83
C GLN A 61 -22.13 7.12 -2.11
N ASN A 62 -21.77 7.66 -3.26
CA ASN A 62 -20.36 7.82 -3.61
C ASN A 62 -19.62 8.75 -2.66
N LEU A 63 -18.30 8.60 -2.64
CA LEU A 63 -17.47 9.50 -1.89
C LEU A 63 -17.03 10.57 -2.87
N THR A 64 -16.86 11.78 -2.38
CA THR A 64 -16.32 12.87 -3.19
C THR A 64 -14.96 13.19 -2.59
N LEU A 65 -13.93 13.07 -3.42
CA LEU A 65 -12.56 13.23 -2.96
C LEU A 65 -11.76 14.18 -3.87
N HIS A 66 -10.99 15.04 -3.22
CA HIS A 66 -10.05 15.96 -3.89
C HIS A 66 -9.03 15.07 -4.64
N PRO A 67 -8.65 15.45 -5.88
CA PRO A 67 -7.72 14.64 -6.68
C PRO A 67 -6.36 14.38 -6.06
N ALA A 68 -5.97 15.19 -5.10
CA ALA A 68 -4.67 15.03 -4.39
C ALA A 68 -4.79 14.31 -3.06
N SER A 69 -5.99 13.81 -2.74
CA SER A 69 -6.21 13.09 -1.48
C SER A 69 -5.14 12.04 -1.25
N SER A 70 -4.51 12.11 -0.08
CA SER A 70 -3.43 11.21 0.31
C SER A 70 -3.83 9.73 0.39
N SER A 71 -5.13 9.47 0.41
CA SER A 71 -5.62 8.09 0.35
C SER A 71 -5.34 7.42 -0.98
N LEU A 72 -5.23 8.22 -2.04
CA LEU A 72 -5.10 7.74 -3.40
C LEU A 72 -3.66 7.84 -3.93
N HIS A 73 -2.83 8.63 -3.26
CA HIS A 73 -1.44 8.83 -3.70
C HIS A 73 -0.47 8.03 -2.84
N TYR A 74 -0.64 8.09 -1.52
CA TYR A 74 0.28 7.43 -0.61
C TYR A 74 -0.36 6.35 0.23
N SER A 75 -1.46 5.79 -0.24
CA SER A 75 -2.10 4.65 0.43
C SER A 75 -2.30 4.89 1.92
N LEU A 76 -2.80 6.07 2.29
N LEU A 76 -2.81 6.07 2.27
CA LEU A 76 -3.17 6.32 3.68
CA LEU A 76 -3.21 6.34 3.67
C LEU A 76 -4.57 5.77 3.87
C LEU A 76 -4.61 5.75 3.81
N GLN A 77 -4.65 4.44 4.06
CA GLN A 77 -5.90 3.75 4.08
C GLN A 77 -5.76 2.45 4.87
N LEU A 78 -6.81 2.09 5.62
CA LEU A 78 -6.85 0.81 6.31
C LEU A 78 -8.31 0.37 6.37
N PHE A 79 -8.53 -0.90 6.70
CA PHE A 79 -9.89 -1.42 6.72
C PHE A 79 -10.02 -2.55 7.72
N GLU A 80 -11.27 -2.89 8.03
CA GLU A 80 -11.59 -4.03 8.85
C GLU A 80 -12.63 -4.88 8.17
N GLY A 81 -12.86 -6.05 8.75
CA GLY A 81 -13.81 -7.00 8.23
C GLY A 81 -14.31 -7.84 9.39
N MET A 82 -15.63 -7.83 9.57
CA MET A 82 -16.28 -8.62 10.61
C MET A 82 -17.66 -9.00 10.15
N LYS A 83 -18.26 -9.97 10.84
CA LYS A 83 -19.54 -10.51 10.44
C LYS A 83 -20.62 -10.42 11.53
N ALA A 84 -21.83 -10.15 11.08
CA ALA A 84 -23.01 -10.16 11.93
C ALA A 84 -23.82 -11.36 11.46
N PHE A 85 -24.36 -12.09 12.43
CA PHE A 85 -25.10 -13.31 12.14
C PHE A 85 -26.49 -13.19 12.78
N LYS A 86 -27.52 -13.59 12.02
CA LYS A 86 -28.89 -13.64 12.53
C LYS A 86 -29.25 -15.07 12.94
N GLY A 87 -29.54 -15.28 14.22
CA GLY A 87 -29.98 -16.60 14.72
C GLY A 87 -31.43 -16.90 14.41
N LYS A 88 -31.88 -18.13 14.69
CA LYS A 88 -33.29 -18.51 14.49
C LYS A 88 -34.24 -17.61 15.26
N ASP A 89 -33.82 -17.18 16.45
CA ASP A 89 -34.61 -16.23 17.24
C ASP A 89 -34.66 -14.83 16.61
N GLN A 90 -34.02 -14.66 15.44
CA GLN A 90 -34.03 -13.40 14.66
C GLN A 90 -33.19 -12.27 15.28
N GLN A 91 -32.39 -12.61 16.28
CA GLN A 91 -31.52 -11.68 16.95
C GLN A 91 -30.24 -11.65 16.12
N VAL A 92 -29.74 -10.46 15.82
CA VAL A 92 -28.51 -10.31 15.06
C VAL A 92 -27.39 -10.05 16.06
N ARG A 93 -26.26 -10.74 15.89
CA ARG A 93 -25.12 -10.60 16.80
C ARG A 93 -23.80 -10.49 16.05
N LEU A 94 -22.92 -9.62 16.52
CA LEU A 94 -21.56 -9.50 15.95
C LEU A 94 -20.58 -10.44 16.67
N PHE A 95 -19.72 -11.09 15.88
CA PHE A 95 -18.68 -11.95 16.40
C PHE A 95 -17.43 -11.18 16.85
N ARG A 96 -17.12 -11.24 18.15
CA ARG A 96 -15.92 -10.62 18.76
C ARG A 96 -15.48 -9.27 18.14
N PRO A 97 -16.42 -8.32 17.98
CA PRO A 97 -16.11 -7.05 17.31
C PRO A 97 -15.08 -6.20 18.01
N TRP A 98 -14.98 -6.34 19.33
CA TRP A 98 -14.01 -5.59 20.13
C TRP A 98 -12.61 -5.79 19.60
N LEU A 99 -12.31 -7.02 19.19
CA LEU A 99 -11.01 -7.33 18.63
C LEU A 99 -10.74 -6.57 17.32
N ASN A 100 -11.73 -6.50 16.44
CA ASN A 100 -11.61 -5.70 15.19
C ASN A 100 -11.41 -4.22 15.48
N MET A 101 -12.09 -3.72 16.50
CA MET A 101 -11.96 -2.32 16.91
C MET A 101 -10.53 -2.10 17.40
N ASP A 102 -10.02 -3.04 18.22
CA ASP A 102 -8.66 -2.95 18.72
C ASP A 102 -7.66 -2.90 17.57
N ARG A 103 -7.87 -3.82 16.63
CA ARG A 103 -6.98 -3.97 15.45
C ARG A 103 -7.04 -2.76 14.54
N MET A 104 -8.23 -2.22 14.34
CA MET A 104 -8.39 -1.04 13.50
C MET A 104 -7.64 0.15 14.10
N LEU A 105 -7.68 0.28 15.42
CA LEU A 105 -7.00 1.40 16.08
C LEU A 105 -5.48 1.26 15.96
N ARG A 106 -4.98 0.03 16.08
CA ARG A 106 -3.55 -0.23 15.87
C ARG A 106 -3.15 0.17 14.46
N SER A 107 -4.00 -0.20 13.48
CA SER A 107 -3.76 0.18 12.08
C SER A 107 -3.67 1.70 11.95
N ALA A 108 -4.63 2.41 12.54
CA ALA A 108 -4.63 3.86 12.48
C ALA A 108 -3.37 4.48 13.06
N MET A 109 -2.91 3.98 14.20
CA MET A 109 -1.70 4.55 14.79
C MET A 109 -0.50 4.30 13.88
N ARG A 110 -0.45 3.14 13.24
CA ARG A 110 0.67 2.83 12.34
C ARG A 110 0.74 3.77 11.11
N LEU A 111 -0.41 4.22 10.61
CA LEU A 111 -0.47 5.18 9.48
C LEU A 111 -0.67 6.66 9.91
N CYS A 112 -0.52 6.97 11.18
CA CYS A 112 -0.67 8.33 11.68
C CYS A 112 -2.03 8.92 11.32
N LEU A 113 -3.06 8.08 11.38
CA LEU A 113 -4.44 8.51 11.18
C LEU A 113 -5.06 8.71 12.56
N PRO A 114 -6.12 9.53 12.65
CA PRO A 114 -6.61 9.87 13.98
C PRO A 114 -7.20 8.69 14.76
N SER A 115 -6.90 8.64 16.04
CA SER A 115 -7.52 7.67 16.94
C SER A 115 -8.99 8.06 17.15
N PHE A 116 -9.77 7.08 17.58
CA PHE A 116 -11.18 7.27 17.89
C PHE A 116 -11.47 6.35 19.08
N ASP A 117 -12.66 6.49 19.68
CA ASP A 117 -13.04 5.64 20.81
C ASP A 117 -13.64 4.34 20.28
N LYS A 118 -13.02 3.21 20.65
CA LYS A 118 -13.41 1.90 20.16
C LYS A 118 -14.87 1.52 20.44
N LEU A 119 -15.35 1.83 21.65
CA LEU A 119 -16.73 1.51 22.01
C LEU A 119 -17.73 2.49 21.35
N GLU A 120 -17.28 3.73 21.12
CA GLU A 120 -18.12 4.65 20.36
C GLU A 120 -18.30 4.17 18.92
N LEU A 121 -17.23 3.73 18.23
CA LEU A 121 -17.42 3.26 16.85
C LEU A 121 -18.28 1.99 16.81
N LEU A 122 -18.07 1.09 17.76
CA LEU A 122 -18.86 -0.17 17.79
C LEU A 122 -20.36 0.14 17.91
N GLU A 123 -20.70 1.12 18.75
CA GLU A 123 -22.12 1.51 18.93
C GLU A 123 -22.67 2.11 17.65
N CYS A 124 -21.90 2.99 17.00
CA CYS A 124 -22.30 3.53 15.71
C CYS A 124 -22.50 2.40 14.69
N ILE A 125 -21.60 1.41 14.71
CA ILE A 125 -21.79 0.27 13.83
C ILE A 125 -23.05 -0.51 14.27
N ARG A 126 -23.27 -0.66 15.56
CA ARG A 126 -24.49 -1.35 16.03
C ARG A 126 -25.70 -0.65 15.44
N ARG A 127 -25.77 0.67 15.65
CA ARG A 127 -26.86 1.50 15.12
C ARG A 127 -27.05 1.35 13.63
N LEU A 128 -25.93 1.29 12.90
CA LEU A 128 -25.97 1.09 11.45
C LEU A 128 -26.58 -0.22 11.05
N ILE A 129 -26.15 -1.29 11.71
CA ILE A 129 -26.66 -2.62 11.40
C ILE A 129 -28.15 -2.67 11.77
N GLU A 130 -28.49 -2.05 12.90
CA GLU A 130 -29.89 -2.01 13.34
C GLU A 130 -30.74 -1.37 12.25
N VAL A 131 -30.25 -0.28 11.66
CA VAL A 131 -30.99 0.37 10.59
C VAL A 131 -31.22 -0.54 9.39
N ASP A 132 -30.18 -1.27 8.98
CA ASP A 132 -30.28 -2.16 7.83
C ASP A 132 -30.48 -3.61 8.25
N LYS A 133 -31.08 -3.85 9.43
CA LYS A 133 -31.25 -5.21 9.94
C LYS A 133 -31.96 -6.15 8.98
N ASP A 134 -32.89 -5.64 8.16
CA ASP A 134 -33.59 -6.48 7.17
C ASP A 134 -32.70 -6.97 6.03
N TRP A 135 -31.48 -6.46 5.94
CA TRP A 135 -30.53 -6.96 4.94
C TRP A 135 -29.76 -8.19 5.46
N VAL A 136 -29.81 -8.45 6.76
CA VAL A 136 -29.09 -9.57 7.34
C VAL A 136 -29.84 -10.83 6.98
N PRO A 137 -29.26 -11.68 6.14
CA PRO A 137 -29.95 -12.90 5.75
C PRO A 137 -29.97 -13.90 6.91
N ASP A 138 -30.86 -14.87 6.85
CA ASP A 138 -30.91 -15.88 7.90
C ASP A 138 -30.87 -17.31 7.38
N ALA A 139 -30.65 -17.48 6.08
CA ALA A 139 -30.46 -18.81 5.52
C ALA A 139 -29.20 -19.42 6.17
N ALA A 140 -29.10 -20.75 6.19
CA ALA A 140 -27.95 -21.42 6.81
C ALA A 140 -26.66 -20.93 6.18
N GLY A 141 -25.66 -20.66 7.02
CA GLY A 141 -24.36 -20.21 6.55
C GLY A 141 -24.36 -18.87 5.82
N THR A 142 -25.27 -17.99 6.20
CA THR A 142 -25.30 -16.65 5.62
C THR A 142 -24.95 -15.66 6.70
N SER A 143 -24.56 -14.46 6.29
CA SER A 143 -24.19 -13.45 7.25
C SER A 143 -24.16 -12.09 6.60
N LEU A 144 -23.92 -11.07 7.43
CA LEU A 144 -23.69 -9.72 6.95
C LEU A 144 -22.22 -9.35 7.24
N TYR A 145 -21.51 -9.01 6.18
CA TYR A 145 -20.12 -8.58 6.26
C TYR A 145 -20.08 -7.07 6.49
N VAL A 146 -19.35 -6.65 7.52
CA VAL A 146 -19.21 -5.27 7.92
C VAL A 146 -17.79 -4.79 7.52
N ARG A 147 -17.71 -3.73 6.72
CA ARG A 147 -16.42 -3.20 6.25
C ARG A 147 -16.17 -1.74 6.69
N PRO A 148 -15.58 -1.54 7.87
CA PRO A 148 -15.08 -0.23 8.26
C PRO A 148 -13.82 0.15 7.48
N VAL A 149 -13.65 1.44 7.21
CA VAL A 149 -12.52 1.95 6.46
C VAL A 149 -12.16 3.26 7.10
N LEU A 150 -10.84 3.54 7.19
CA LEU A 150 -10.37 4.84 7.65
C LEU A 150 -9.30 5.25 6.63
N ILE A 151 -9.49 6.41 6.01
CA ILE A 151 -8.56 6.94 5.01
C ILE A 151 -8.09 8.37 5.35
N GLY A 152 -6.87 8.67 4.93
CA GLY A 152 -6.32 10.02 5.03
C GLY A 152 -6.93 10.77 3.89
N ASN A 153 -7.07 12.08 4.03
CA ASN A 153 -7.76 12.86 3.01
C ASN A 153 -7.17 14.25 2.83
N GLU A 154 -5.88 14.34 3.08
CA GLU A 154 -5.11 15.58 2.95
C GLU A 154 -4.96 15.89 1.45
N PRO A 155 -5.43 17.07 0.99
CA PRO A 155 -5.28 17.46 -0.40
C PRO A 155 -3.86 18.03 -0.69
N SER A 156 -2.83 17.23 -0.46
CA SER A 156 -1.45 17.67 -0.59
C SER A 156 -0.55 16.54 -1.05
N LEU A 157 0.44 16.86 -1.89
CA LEU A 157 1.33 15.83 -2.45
C LEU A 157 2.56 15.57 -1.61
N GLY A 158 2.66 16.19 -0.44
CA GLY A 158 3.74 15.92 0.49
C GLY A 158 3.45 14.61 1.21
N VAL A 159 4.47 13.75 1.39
CA VAL A 159 4.24 12.53 2.16
C VAL A 159 4.25 12.90 3.64
N SER A 160 3.08 13.00 4.26
CA SER A 160 3.02 13.53 5.63
C SER A 160 1.78 13.05 6.38
N GLN A 161 1.80 13.22 7.70
CA GLN A 161 0.63 12.92 8.53
C GLN A 161 -0.55 13.75 8.07
N PRO A 162 -1.67 13.11 7.71
CA PRO A 162 -2.78 13.91 7.23
C PRO A 162 -3.43 14.77 8.33
N THR A 163 -3.94 15.93 7.91
CA THR A 163 -4.68 16.84 8.78
C THR A 163 -6.21 16.63 8.61
N ARG A 164 -6.59 15.79 7.65
CA ARG A 164 -7.98 15.44 7.42
C ARG A 164 -8.09 13.94 7.18
N ALA A 165 -9.23 13.37 7.55
CA ALA A 165 -9.46 11.93 7.39
C ALA A 165 -10.96 11.66 7.28
N LEU A 166 -11.29 10.48 6.76
N LEU A 166 -11.30 10.50 6.73
CA LEU A 166 -12.66 10.03 6.61
CA LEU A 166 -12.68 10.05 6.63
C LEU A 166 -12.77 8.63 7.18
C LEU A 166 -12.78 8.63 7.18
N LEU A 167 -13.77 8.39 8.02
CA LEU A 167 -14.04 7.06 8.56
C LEU A 167 -15.41 6.69 8.05
N PHE A 168 -15.51 5.57 7.35
CA PHE A 168 -16.79 5.08 6.85
C PHE A 168 -16.96 3.57 7.04
N VAL A 169 -18.22 3.14 7.02
CA VAL A 169 -18.56 1.73 7.19
C VAL A 169 -19.67 1.38 6.22
N ILE A 170 -19.42 0.33 5.43
CA ILE A 170 -20.41 -0.18 4.50
C ILE A 170 -20.70 -1.64 4.87
N LEU A 171 -21.82 -2.18 4.38
CA LEU A 171 -22.29 -3.52 4.73
C LEU A 171 -22.65 -4.32 3.48
N CYS A 172 -22.36 -5.62 3.52
N CYS A 172 -22.43 -5.63 3.54
CA CYS A 172 -22.61 -6.53 2.42
CA CYS A 172 -22.62 -6.50 2.41
C CYS A 172 -23.28 -7.80 2.96
C CYS A 172 -23.21 -7.85 2.86
N PRO A 173 -24.43 -8.21 2.39
CA PRO A 173 -24.96 -9.52 2.77
C PRO A 173 -24.13 -10.59 2.04
N VAL A 174 -23.76 -11.69 2.69
CA VAL A 174 -22.97 -12.73 2.01
C VAL A 174 -23.57 -14.12 2.25
N GLY A 175 -23.38 -14.99 1.26
CA GLY A 175 -23.90 -16.37 1.30
C GLY A 175 -23.04 -17.27 2.15
N VAL A 183 -17.81 -28.29 2.71
CA VAL A 183 -16.62 -27.44 2.79
C VAL A 183 -15.60 -27.86 1.71
N THR A 184 -15.49 -27.04 0.66
CA THR A 184 -14.69 -27.38 -0.53
C THR A 184 -13.18 -27.09 -0.36
N PRO A 185 -12.33 -28.10 -0.51
CA PRO A 185 -10.89 -27.85 -0.30
C PRO A 185 -10.23 -27.12 -1.45
N VAL A 186 -9.10 -26.48 -1.18
CA VAL A 186 -8.42 -25.69 -2.22
C VAL A 186 -7.00 -26.13 -2.51
N SER A 187 -6.49 -25.73 -3.68
CA SER A 187 -5.11 -26.00 -4.06
C SER A 187 -4.34 -24.68 -3.93
N LEU A 188 -3.06 -24.75 -3.56
CA LEU A 188 -2.22 -23.56 -3.34
C LEU A 188 -0.92 -23.62 -4.10
N LEU A 189 -0.50 -22.46 -4.61
CA LEU A 189 0.84 -22.33 -5.19
C LEU A 189 1.80 -21.81 -4.14
N ALA A 190 2.90 -22.55 -3.92
CA ALA A 190 3.96 -22.18 -2.97
C ALA A 190 5.27 -22.00 -3.72
N ASP A 191 5.55 -20.75 -4.05
CA ASP A 191 6.78 -20.38 -4.74
C ASP A 191 7.55 -19.33 -3.90
N PRO A 192 8.79 -19.66 -3.48
CA PRO A 192 9.55 -18.67 -2.69
C PRO A 192 9.79 -17.31 -3.37
N ALA A 193 9.50 -17.16 -4.65
CA ALA A 193 9.69 -15.85 -5.34
C ALA A 193 8.75 -14.77 -4.85
N PHE A 194 7.65 -15.19 -4.25
CA PHE A 194 6.59 -14.27 -3.92
C PHE A 194 6.67 -13.92 -2.45
N ILE A 195 6.63 -12.63 -2.15
CA ILE A 195 6.70 -12.22 -0.75
C ILE A 195 5.53 -11.29 -0.38
N ARG A 196 4.80 -11.65 0.66
CA ARG A 196 3.64 -10.83 1.08
C ARG A 196 4.03 -9.73 2.06
N ALA A 197 4.99 -10.03 2.91
CA ALA A 197 5.34 -9.18 4.02
C ALA A 197 6.72 -9.57 4.55
N TRP A 198 7.33 -8.64 5.28
CA TRP A 198 8.67 -8.87 5.83
C TRP A 198 8.80 -8.30 7.23
N VAL A 199 9.74 -8.85 7.98
CA VAL A 199 9.91 -8.41 9.36
C VAL A 199 10.46 -6.99 9.28
N GLY A 200 9.84 -6.09 10.03
CA GLY A 200 10.13 -4.67 9.95
C GLY A 200 9.20 -3.97 8.98
N GLY A 201 8.28 -4.72 8.37
CA GLY A 201 7.29 -4.16 7.43
C GLY A 201 5.97 -3.92 8.14
N VAL A 202 4.88 -3.95 7.38
CA VAL A 202 3.54 -3.68 7.91
C VAL A 202 2.50 -4.75 7.57
N GLY A 203 2.99 -5.96 7.25
CA GLY A 203 2.13 -7.11 6.96
C GLY A 203 1.24 -7.54 8.10
N ASN A 204 1.63 -7.19 9.31
CA ASN A 204 0.85 -7.48 10.52
C ASN A 204 -0.24 -6.44 10.82
N TYR A 205 -0.49 -5.52 9.88
CA TYR A 205 -1.58 -4.53 10.00
C TYR A 205 -2.50 -4.72 8.82
N LYS A 206 -3.78 -4.37 8.98
CA LYS A 206 -4.75 -4.55 7.90
C LYS A 206 -4.82 -3.25 7.06
N LEU A 207 -3.75 -3.02 6.30
CA LEU A 207 -3.58 -1.82 5.47
C LEU A 207 -3.76 -2.18 4.02
N GLY A 208 -4.46 -1.32 3.28
CA GLY A 208 -4.72 -1.52 1.84
C GLY A 208 -3.48 -1.89 1.03
N GLY A 209 -2.35 -1.25 1.36
CA GLY A 209 -1.07 -1.45 0.67
C GLY A 209 -0.56 -2.88 0.65
N ASN A 210 -0.98 -3.71 1.60
CA ASN A 210 -0.57 -5.09 1.63
C ASN A 210 -1.30 -5.94 0.62
N TYR A 211 -2.37 -5.42 0.02
CA TYR A 211 -3.26 -6.26 -0.82
C TYR A 211 -3.10 -6.08 -2.32
N GLY A 212 -2.91 -4.84 -2.76
CA GLY A 212 -2.70 -4.55 -4.16
C GLY A 212 -1.66 -5.42 -4.85
N PRO A 213 -0.45 -5.51 -4.28
CA PRO A 213 0.65 -6.29 -4.89
C PRO A 213 0.38 -7.82 -4.96
N THR A 214 -0.65 -8.30 -4.30
CA THR A 214 -0.93 -9.74 -4.33
C THR A 214 -1.76 -10.13 -5.54
N VAL A 215 -2.44 -9.17 -6.17
CA VAL A 215 -3.33 -9.49 -7.32
C VAL A 215 -2.58 -10.22 -8.43
N LEU A 216 -1.43 -9.71 -8.83
CA LEU A 216 -0.62 -10.38 -9.85
C LEU A 216 -0.19 -11.78 -9.45
N VAL A 217 0.11 -11.99 -8.18
CA VAL A 217 0.57 -13.30 -7.70
C VAL A 217 -0.57 -14.30 -7.75
N GLN A 218 -1.76 -13.85 -7.36
CA GLN A 218 -2.97 -14.68 -7.44
C GLN A 218 -3.24 -15.12 -8.90
N GLN A 219 -3.08 -14.21 -9.85
N GLN A 219 -3.05 -14.21 -9.85
CA GLN A 219 -3.21 -14.56 -11.28
CA GLN A 219 -3.23 -14.53 -11.28
C GLN A 219 -2.20 -15.62 -11.71
C GLN A 219 -2.19 -15.59 -11.73
N GLU A 220 -1.00 -15.57 -11.13
CA GLU A 220 0.04 -16.54 -11.42
C GLU A 220 -0.31 -17.94 -10.85
N ALA A 221 -0.90 -17.98 -9.65
CA ALA A 221 -1.42 -19.21 -9.06
C ALA A 221 -2.46 -19.85 -10.00
N LEU A 222 -3.42 -19.05 -10.45
CA LEU A 222 -4.41 -19.49 -11.44
C LEU A 222 -3.72 -20.00 -12.71
N LYS A 223 -2.77 -19.22 -13.21
CA LYS A 223 -1.99 -19.63 -14.39
C LYS A 223 -1.36 -21.01 -14.22
N ARG A 224 -0.92 -21.34 -13.00
CA ARG A 224 -0.23 -22.61 -12.75
C ARG A 224 -1.13 -23.74 -12.22
N GLY A 225 -2.44 -23.53 -12.28
CA GLY A 225 -3.43 -24.54 -11.91
C GLY A 225 -3.89 -24.59 -10.47
N CYS A 226 -3.57 -23.54 -9.70
CA CYS A 226 -3.88 -23.48 -8.28
C CYS A 226 -4.96 -22.43 -8.01
N GLU A 227 -5.66 -22.54 -6.88
CA GLU A 227 -6.70 -21.59 -6.55
C GLU A 227 -6.24 -20.39 -5.75
N GLN A 228 -5.22 -20.57 -4.92
CA GLN A 228 -4.74 -19.51 -4.04
C GLN A 228 -3.24 -19.60 -3.90
N VAL A 229 -2.70 -18.62 -3.17
CA VAL A 229 -1.25 -18.52 -2.92
C VAL A 229 -0.90 -18.92 -1.49
N LEU A 230 0.08 -19.79 -1.35
CA LEU A 230 0.67 -20.08 -0.05
C LEU A 230 1.89 -19.18 0.05
N TRP A 231 1.80 -18.18 0.90
CA TRP A 231 2.85 -17.16 1.05
C TRP A 231 4.04 -17.68 1.87
N LEU A 232 5.18 -17.82 1.22
CA LEU A 232 6.38 -18.29 1.88
C LEU A 232 7.26 -17.10 2.26
N TYR A 233 8.03 -17.27 3.33
CA TYR A 233 8.93 -16.23 3.82
C TYR A 233 10.24 -16.80 4.32
N GLY A 234 11.32 -16.13 3.96
CA GLY A 234 12.63 -16.45 4.50
C GLY A 234 13.37 -17.52 3.75
N PRO A 235 14.66 -17.69 4.08
CA PRO A 235 15.49 -18.68 3.41
C PRO A 235 15.04 -20.11 3.72
N ASP A 236 14.42 -20.31 4.89
CA ASP A 236 13.86 -21.61 5.24
C ASP A 236 12.38 -21.81 4.79
N HIS A 237 11.89 -20.95 3.91
CA HIS A 237 10.55 -21.16 3.29
C HIS A 237 9.45 -21.42 4.33
N GLN A 238 9.29 -20.47 5.24
CA GLN A 238 8.23 -20.54 6.24
C GLN A 238 6.89 -20.37 5.57
N LEU A 239 5.91 -21.17 5.97
CA LEU A 239 4.53 -21.00 5.50
C LEU A 239 3.91 -19.95 6.41
N THR A 240 3.45 -18.85 5.86
CA THR A 240 2.96 -17.74 6.70
C THR A 240 1.45 -17.57 6.69
N GLU A 241 0.89 -17.50 5.49
CA GLU A 241 -0.53 -17.28 5.26
C GLU A 241 -0.95 -17.93 3.96
N VAL A 242 -2.25 -18.15 3.82
N VAL A 242 -2.25 -18.16 3.84
CA VAL A 242 -2.78 -18.76 2.60
CA VAL A 242 -2.85 -18.78 2.65
C VAL A 242 -3.83 -17.79 2.07
C VAL A 242 -3.86 -17.78 2.08
N GLY A 243 -3.54 -17.21 0.91
CA GLY A 243 -4.40 -16.20 0.30
C GLY A 243 -4.49 -15.01 1.22
N THR A 244 -5.70 -14.75 1.74
CA THR A 244 -5.92 -13.67 2.70
C THR A 244 -6.23 -14.24 4.10
N MET A 245 -5.86 -15.51 4.32
CA MET A 245 -6.17 -16.23 5.54
C MET A 245 -4.95 -16.68 6.32
N ASN A 246 -5.11 -16.88 7.62
CA ASN A 246 -4.05 -17.46 8.44
C ASN A 246 -3.98 -18.97 8.16
N ILE A 247 -2.81 -19.55 8.36
CA ILE A 247 -2.60 -20.97 8.08
C ILE A 247 -2.44 -21.76 9.38
N PHE A 248 -3.05 -22.94 9.40
CA PHE A 248 -2.98 -23.87 10.53
C PHE A 248 -2.58 -25.24 9.98
N VAL A 249 -1.79 -25.95 10.78
CA VAL A 249 -1.43 -27.33 10.48
C VAL A 249 -1.74 -28.19 11.74
N TYR A 250 -2.41 -29.32 11.50
CA TYR A 250 -2.76 -30.29 12.54
C TYR A 250 -2.01 -31.55 12.14
N TRP A 251 -1.06 -31.91 12.98
CA TRP A 251 -0.19 -33.03 12.66
C TRP A 251 0.37 -33.63 13.92
N THR A 252 1.09 -34.73 13.73
CA THR A 252 1.90 -35.29 14.79
C THR A 252 3.29 -34.75 14.52
N HIS A 253 3.81 -33.95 15.45
CA HIS A 253 5.08 -33.26 15.23
C HIS A 253 6.26 -34.24 15.37
N GLU A 254 7.46 -33.81 14.94
CA GLU A 254 8.71 -34.61 14.98
C GLU A 254 9.04 -35.28 16.33
N ASP A 255 8.55 -34.67 17.41
CA ASP A 255 8.70 -35.22 18.75
C ASP A 255 7.59 -36.21 19.10
N GLY A 256 6.83 -36.65 18.10
CA GLY A 256 5.73 -37.60 18.32
C GLY A 256 4.50 -37.05 19.02
N VAL A 257 4.42 -35.73 19.26
CA VAL A 257 3.26 -35.15 19.93
C VAL A 257 2.26 -34.60 18.90
N LEU A 258 0.98 -34.91 19.12
CA LEU A 258 -0.12 -34.44 18.28
C LEU A 258 -0.34 -32.97 18.59
N GLU A 259 -0.30 -32.12 17.57
CA GLU A 259 -0.46 -30.70 17.85
C GLU A 259 -1.11 -29.92 16.72
N LEU A 260 -1.68 -28.80 17.12
CA LEU A 260 -2.15 -27.79 16.19
C LEU A 260 -1.09 -26.69 16.23
N VAL A 261 -0.55 -26.31 15.08
CA VAL A 261 0.43 -25.25 15.01
C VAL A 261 -0.03 -24.15 14.04
N THR A 262 0.22 -22.90 14.42
CA THR A 262 0.03 -21.77 13.51
C THR A 262 1.23 -20.82 13.67
N PRO A 263 1.63 -20.11 12.60
CA PRO A 263 2.80 -19.21 12.76
C PRO A 263 2.60 -18.11 13.81
N PRO A 264 3.68 -17.75 14.51
CA PRO A 264 3.61 -16.77 15.56
C PRO A 264 3.48 -15.33 15.02
N LEU A 265 3.03 -14.44 15.90
CA LEU A 265 2.86 -13.05 15.57
C LEU A 265 4.20 -12.32 15.70
N ASN A 266 5.10 -12.59 14.75
CA ASN A 266 6.45 -12.02 14.79
C ASN A 266 6.71 -10.94 13.76
N GLY A 267 5.66 -10.39 13.15
CA GLY A 267 5.81 -9.29 12.19
C GLY A 267 5.20 -9.51 10.82
N VAL A 268 5.26 -10.75 10.32
CA VAL A 268 4.76 -11.06 8.98
C VAL A 268 3.37 -11.70 8.96
N ILE A 269 2.76 -11.89 10.13
CA ILE A 269 1.46 -12.55 10.25
C ILE A 269 0.40 -11.55 10.70
N LEU A 270 -0.69 -11.47 9.96
CA LEU A 270 -1.81 -10.63 10.36
C LEU A 270 -2.53 -11.37 11.51
N PRO A 271 -2.68 -10.71 12.67
CA PRO A 271 -3.37 -11.35 13.81
C PRO A 271 -4.89 -11.49 13.62
N GLY A 272 -5.28 -12.58 12.97
CA GLY A 272 -6.67 -12.83 12.64
C GLY A 272 -7.54 -13.06 13.88
N VAL A 273 -8.76 -12.61 13.82
CA VAL A 273 -9.73 -12.84 14.88
C VAL A 273 -10.15 -14.31 14.86
N VAL A 274 -10.35 -14.88 13.66
CA VAL A 274 -10.69 -16.28 13.57
C VAL A 274 -9.53 -17.12 14.11
N ARG A 275 -8.31 -16.79 13.67
CA ARG A 275 -7.07 -17.44 14.14
C ARG A 275 -7.04 -17.49 15.67
N GLN A 276 -7.21 -16.34 16.31
CA GLN A 276 -7.14 -16.30 17.77
C GLN A 276 -8.26 -17.14 18.39
N SER A 277 -9.42 -17.13 17.78
CA SER A 277 -10.58 -17.90 18.27
C SER A 277 -10.31 -19.42 18.19
N LEU A 278 -9.63 -19.87 17.12
CA LEU A 278 -9.33 -21.29 16.99
C LEU A 278 -8.32 -21.72 18.04
N LEU A 279 -7.32 -20.88 18.26
CA LEU A 279 -6.33 -21.13 19.33
C LEU A 279 -6.99 -21.18 20.69
N ASP A 280 -7.84 -20.20 20.97
CA ASP A 280 -8.59 -20.17 22.24
C ASP A 280 -9.44 -21.45 22.45
N MET A 281 -10.18 -21.84 21.41
CA MET A 281 -10.99 -23.06 21.44
C MET A 281 -10.18 -24.34 21.64
N ALA A 282 -9.17 -24.54 20.82
CA ALA A 282 -8.32 -25.70 20.93
C ALA A 282 -7.63 -25.69 22.29
N GLN A 283 -7.14 -24.54 22.73
CA GLN A 283 -6.47 -24.43 24.03
C GLN A 283 -7.41 -24.85 25.15
N THR A 284 -8.63 -24.31 25.12
CA THR A 284 -9.66 -24.65 26.09
C THR A 284 -9.99 -26.16 26.18
N TRP A 285 -10.08 -26.84 25.03
CA TRP A 285 -10.39 -28.28 25.04
C TRP A 285 -9.33 -29.08 25.76
N GLY A 286 -8.07 -28.67 25.64
CA GLY A 286 -6.97 -29.31 26.34
C GLY A 286 -6.71 -30.75 25.93
N GLU A 287 -7.03 -31.10 24.69
CA GLU A 287 -6.87 -32.49 24.25
C GLU A 287 -5.62 -32.77 23.45
N PHE A 288 -4.96 -31.71 22.98
CA PHE A 288 -3.74 -31.84 22.22
C PHE A 288 -2.96 -30.54 22.32
N ARG A 289 -1.69 -30.58 21.97
CA ARG A 289 -0.82 -29.44 22.13
C ARG A 289 -1.18 -28.35 21.10
N VAL A 290 -1.23 -27.11 21.57
CA VAL A 290 -1.59 -25.97 20.72
C VAL A 290 -0.49 -24.94 20.83
N VAL A 291 0.15 -24.65 19.70
CA VAL A 291 1.30 -23.78 19.68
C VAL A 291 1.34 -22.77 18.55
N GLU A 292 2.05 -21.69 18.80
CA GLU A 292 2.45 -20.73 17.80
C GLU A 292 3.95 -20.89 17.58
N ARG A 293 4.29 -21.36 16.37
N ARG A 293 4.28 -21.35 16.37
CA ARG A 293 5.66 -21.62 15.97
CA ARG A 293 5.66 -21.63 15.98
C ARG A 293 5.73 -21.52 14.47
C ARG A 293 5.74 -21.54 14.48
N THR A 294 6.91 -21.20 13.95
CA THR A 294 7.10 -21.18 12.50
C THR A 294 6.96 -22.63 11.96
N ILE A 295 6.54 -22.72 10.71
CA ILE A 295 6.33 -23.98 9.99
C ILE A 295 7.08 -23.85 8.69
N THR A 296 7.97 -24.79 8.38
CA THR A 296 8.79 -24.71 7.17
C THR A 296 8.36 -25.73 6.11
N MET A 297 8.63 -25.43 4.85
CA MET A 297 8.33 -26.39 3.76
C MET A 297 9.04 -27.71 4.03
N LYS A 298 10.27 -27.61 4.55
CA LYS A 298 11.06 -28.80 4.84
C LYS A 298 10.36 -29.69 5.87
N GLN A 299 9.84 -29.09 6.95
CA GLN A 299 9.11 -29.85 7.96
C GLN A 299 7.82 -30.47 7.37
N LEU A 300 7.15 -29.73 6.49
CA LEU A 300 5.90 -30.21 5.90
C LEU A 300 6.14 -31.42 5.00
N LEU A 301 7.19 -31.32 4.18
CA LEU A 301 7.57 -32.39 3.26
C LEU A 301 7.84 -33.68 4.01
N ARG A 302 8.63 -33.58 5.07
CA ARG A 302 8.94 -34.76 5.89
C ARG A 302 7.68 -35.30 6.54
N ALA A 303 6.85 -34.41 7.08
CA ALA A 303 5.63 -34.83 7.74
C ALA A 303 4.68 -35.54 6.76
N LEU A 304 4.59 -35.01 5.54
CA LEU A 304 3.77 -35.62 4.50
C LEU A 304 4.34 -37.00 4.12
N GLU A 305 5.66 -37.09 4.03
CA GLU A 305 6.30 -38.39 3.70
C GLU A 305 6.09 -39.41 4.82
N GLU A 306 6.11 -38.95 6.08
CA GLU A 306 5.92 -39.85 7.21
C GLU A 306 4.47 -40.06 7.64
N GLY A 307 3.53 -39.57 6.84
CA GLY A 307 2.11 -39.71 7.13
C GLY A 307 1.68 -39.11 8.46
N ARG A 308 2.35 -38.03 8.89
CA ARG A 308 2.04 -37.36 10.16
C ARG A 308 1.07 -36.17 10.03
N VAL A 309 0.83 -35.68 8.82
CA VAL A 309 -0.08 -34.55 8.63
C VAL A 309 -1.53 -35.02 8.58
N ARG A 310 -2.38 -34.44 9.42
N ARG A 310 -2.38 -34.44 9.42
CA ARG A 310 -3.80 -34.75 9.39
CA ARG A 310 -3.80 -34.74 9.39
C ARG A 310 -4.56 -33.74 8.54
C ARG A 310 -4.53 -33.74 8.51
N GLU A 311 -4.45 -32.46 8.88
CA GLU A 311 -5.18 -31.40 8.20
C GLU A 311 -4.40 -30.08 8.07
N VAL A 312 -4.59 -29.37 6.95
CA VAL A 312 -4.03 -28.07 6.74
C VAL A 312 -5.25 -27.21 6.34
N PHE A 313 -5.37 -26.02 6.88
CA PHE A 313 -6.49 -25.17 6.54
C PHE A 313 -6.16 -23.70 6.80
N GLY A 314 -6.91 -22.83 6.16
CA GLY A 314 -6.82 -21.40 6.36
C GLY A 314 -7.94 -20.94 7.26
N SER A 315 -7.73 -19.81 7.93
CA SER A 315 -8.75 -19.22 8.76
C SER A 315 -8.89 -17.75 8.41
N GLY A 316 -10.13 -17.24 8.42
CA GLY A 316 -10.37 -15.83 8.14
C GLY A 316 -11.86 -15.56 8.09
N THR A 317 -12.23 -14.30 8.22
CA THR A 317 -13.65 -13.94 8.35
C THR A 317 -14.52 -14.33 7.15
N ALA A 318 -14.13 -13.93 5.93
CA ALA A 318 -15.01 -14.14 4.77
C ALA A 318 -15.34 -15.61 4.51
N CYS A 319 -14.33 -16.47 4.60
CA CYS A 319 -14.52 -17.89 4.31
C CYS A 319 -14.52 -18.81 5.54
N GLN A 320 -14.16 -18.25 6.70
CA GLN A 320 -14.12 -18.95 7.99
C GLN A 320 -12.98 -19.97 8.15
N VAL A 321 -13.20 -21.23 7.79
CA VAL A 321 -12.15 -22.27 7.83
C VAL A 321 -12.16 -23.00 6.50
N CYS A 322 -11.02 -23.03 5.83
N CYS A 322 -11.04 -22.95 5.77
CA CYS A 322 -10.95 -23.55 4.49
CA CYS A 322 -10.92 -23.52 4.42
C CYS A 322 -9.90 -24.65 4.34
C CYS A 322 -9.90 -24.65 4.35
N PRO A 323 -10.34 -25.88 4.03
CA PRO A 323 -9.36 -26.95 3.93
C PRO A 323 -8.46 -26.86 2.69
N VAL A 324 -7.24 -27.38 2.84
CA VAL A 324 -6.30 -27.42 1.76
C VAL A 324 -6.06 -28.87 1.42
N HIS A 325 -6.11 -29.19 0.13
CA HIS A 325 -5.90 -30.54 -0.37
C HIS A 325 -4.68 -30.71 -1.25
N ARG A 326 -4.07 -29.60 -1.70
CA ARG A 326 -2.92 -29.71 -2.60
C ARG A 326 -2.06 -28.45 -2.52
N ILE A 327 -0.75 -28.66 -2.55
CA ILE A 327 0.21 -27.59 -2.60
C ILE A 327 1.20 -27.90 -3.71
N LEU A 328 1.35 -26.97 -4.66
CA LEU A 328 2.34 -27.11 -5.72
C LEU A 328 3.57 -26.32 -5.26
N TYR A 329 4.64 -27.03 -4.92
CA TYR A 329 5.83 -26.37 -4.41
C TYR A 329 6.90 -26.54 -5.47
N LYS A 330 7.08 -25.49 -6.26
CA LYS A 330 7.95 -25.52 -7.44
C LYS A 330 7.30 -26.44 -8.49
N ASP A 331 7.88 -27.62 -8.76
CA ASP A 331 7.21 -28.56 -9.66
C ASP A 331 6.59 -29.73 -8.91
N ARG A 332 6.94 -29.88 -7.63
CA ARG A 332 6.41 -30.96 -6.80
C ARG A 332 4.93 -30.71 -6.44
N ASN A 333 4.05 -31.59 -6.92
CA ASN A 333 2.64 -31.55 -6.59
C ASN A 333 2.42 -32.35 -5.29
N LEU A 334 2.14 -31.67 -4.19
CA LEU A 334 2.00 -32.32 -2.89
C LEU A 334 0.54 -32.54 -2.51
N HIS A 335 0.19 -33.80 -2.23
CA HIS A 335 -1.14 -34.09 -1.77
C HIS A 335 -1.23 -33.87 -0.29
N ILE A 336 -2.25 -33.12 0.13
CA ILE A 336 -2.45 -32.85 1.53
C ILE A 336 -3.70 -33.61 1.96
N PRO A 337 -3.56 -34.54 2.90
CA PRO A 337 -4.66 -35.45 3.19
C PRO A 337 -5.74 -34.96 4.13
N THR A 338 -6.00 -33.65 4.14
CA THR A 338 -7.01 -33.05 4.97
C THR A 338 -8.36 -33.77 4.90
N MET A 339 -8.85 -33.99 3.71
CA MET A 339 -10.20 -34.53 3.53
C MET A 339 -10.32 -36.01 3.88
N GLU A 340 -9.21 -36.74 3.76
CA GLU A 340 -9.16 -38.15 4.14
C GLU A 340 -9.06 -38.33 5.65
N ASN A 341 -8.92 -37.23 6.39
CA ASN A 341 -8.84 -37.27 7.83
C ASN A 341 -10.06 -36.63 8.46
N GLY A 342 -11.20 -36.74 7.79
CA GLY A 342 -12.45 -36.17 8.27
C GLY A 342 -13.02 -35.11 7.34
N PRO A 343 -12.55 -33.85 7.44
CA PRO A 343 -11.51 -33.30 8.32
C PRO A 343 -12.04 -33.08 9.72
N GLU A 344 -11.61 -33.94 10.64
CA GLU A 344 -12.20 -33.97 11.97
C GLU A 344 -12.11 -32.64 12.72
N LEU A 345 -10.93 -32.04 12.71
CA LEU A 345 -10.74 -30.78 13.44
C LEU A 345 -11.48 -29.61 12.81
N ILE A 346 -11.36 -29.47 11.49
CA ILE A 346 -12.10 -28.44 10.77
C ILE A 346 -13.60 -28.53 11.11
N LEU A 347 -14.16 -29.74 11.00
CA LEU A 347 -15.60 -29.94 11.25
C LEU A 347 -16.00 -29.55 12.67
N ARG A 348 -15.15 -29.89 13.63
CA ARG A 348 -15.37 -29.57 15.04
C ARG A 348 -15.33 -28.05 15.27
N PHE A 349 -14.30 -27.39 14.76
CA PHE A 349 -14.29 -25.92 14.80
C PHE A 349 -15.54 -25.31 14.17
N GLN A 350 -15.90 -25.77 12.97
CA GLN A 350 -17.05 -25.17 12.26
C GLN A 350 -18.30 -25.37 13.09
N LYS A 351 -18.44 -26.54 13.69
CA LYS A 351 -19.62 -26.83 14.49
C LYS A 351 -19.71 -25.95 15.72
N GLU A 352 -18.61 -25.81 16.46
CA GLU A 352 -18.61 -25.00 17.67
C GLU A 352 -18.82 -23.51 17.33
N LEU A 353 -18.15 -23.00 16.30
CA LEU A 353 -18.34 -21.60 15.89
C LEU A 353 -19.76 -21.28 15.47
N LYS A 354 -20.39 -22.20 14.76
CA LYS A 354 -21.76 -22.02 14.28
C LYS A 354 -22.70 -21.92 15.48
N GLU A 355 -22.50 -22.79 16.47
CA GLU A 355 -23.30 -22.75 17.68
C GLU A 355 -23.21 -21.40 18.39
N ILE A 356 -22.00 -20.85 18.45
CA ILE A 356 -21.76 -19.59 19.12
C ILE A 356 -22.32 -18.43 18.31
N GLN A 357 -22.00 -18.43 17.02
CA GLN A 357 -22.35 -17.36 16.11
C GLN A 357 -23.85 -17.17 15.92
N TYR A 358 -24.57 -18.27 15.73
CA TYR A 358 -26.01 -18.20 15.48
C TYR A 358 -26.84 -18.29 16.77
N GLY A 359 -26.20 -18.04 17.92
CA GLY A 359 -26.87 -17.98 19.21
C GLY A 359 -27.51 -19.28 19.70
N ILE A 360 -27.03 -20.41 19.18
CA ILE A 360 -27.52 -21.73 19.62
C ILE A 360 -27.13 -21.84 21.09
N ARG A 361 -25.87 -21.55 21.40
CA ARG A 361 -25.41 -21.44 22.78
C ARG A 361 -25.02 -19.96 23.03
N ALA A 362 -25.53 -19.37 24.10
CA ALA A 362 -25.21 -17.98 24.46
C ALA A 362 -23.73 -17.89 24.82
N HIS A 363 -23.08 -16.78 24.45
CA HIS A 363 -21.64 -16.70 24.63
C HIS A 363 -21.04 -15.29 24.69
N GLU A 364 -20.08 -15.15 25.59
CA GLU A 364 -19.17 -14.00 25.78
C GLU A 364 -18.71 -13.30 24.47
N TRP A 365 -18.50 -14.11 23.44
CA TRP A 365 -17.95 -13.67 22.14
C TRP A 365 -18.91 -12.94 21.22
N MET A 366 -20.22 -13.11 21.44
CA MET A 366 -21.22 -12.47 20.61
C MET A 366 -21.67 -11.18 21.26
N PHE A 367 -21.84 -10.15 20.42
CA PHE A 367 -22.24 -8.81 20.85
C PHE A 367 -23.58 -8.56 20.20
N PRO A 368 -24.66 -8.54 21.00
CA PRO A 368 -25.97 -8.38 20.36
C PRO A 368 -26.17 -6.99 19.72
N VAL A 369 -26.83 -6.98 18.57
CA VAL A 369 -27.17 -5.73 17.88
C VAL A 369 -28.58 -5.26 18.30
N SER B 6 -4.76 -5.29 -25.20
CA SER B 6 -5.78 -4.19 -25.20
C SER B 6 -5.19 -2.87 -25.71
N SER B 7 -6.00 -2.08 -26.44
CA SER B 7 -5.52 -0.86 -27.10
C SER B 7 -5.78 0.44 -26.32
N SER B 8 -4.82 1.36 -26.44
CA SER B 8 -4.80 2.61 -25.67
C SER B 8 -5.77 3.68 -26.11
N PHE B 9 -5.96 4.65 -25.21
CA PHE B 9 -6.64 5.89 -25.56
C PHE B 9 -5.68 6.64 -26.50
N LYS B 10 -6.23 7.56 -27.28
CA LYS B 10 -5.45 8.34 -28.25
C LYS B 10 -5.55 9.82 -27.94
N ALA B 11 -4.46 10.55 -28.11
CA ALA B 11 -4.46 12.01 -27.90
C ALA B 11 -5.31 12.73 -28.97
N ALA B 12 -5.49 12.11 -30.12
CA ALA B 12 -6.38 12.65 -31.17
C ALA B 12 -7.83 12.75 -30.66
N ASP B 13 -8.25 11.77 -29.88
CA ASP B 13 -9.61 11.74 -29.32
C ASP B 13 -9.84 12.69 -28.15
N LEU B 14 -8.87 13.55 -27.86
CA LEU B 14 -8.98 14.49 -26.74
C LEU B 14 -10.19 15.43 -26.79
N GLN B 15 -11.02 15.35 -25.74
CA GLN B 15 -12.13 16.27 -25.54
C GLN B 15 -11.65 17.35 -24.59
N LEU B 16 -11.73 18.60 -25.02
CA LEU B 16 -11.33 19.71 -24.17
C LEU B 16 -12.56 20.45 -23.68
N GLU B 17 -12.57 20.78 -22.38
CA GLU B 17 -13.60 21.64 -21.78
C GLU B 17 -12.89 22.68 -20.94
N MET B 18 -12.75 23.88 -21.48
CA MET B 18 -12.13 24.97 -20.74
C MET B 18 -12.94 25.33 -19.51
N THR B 19 -12.25 25.85 -18.49
CA THR B 19 -12.90 26.27 -17.25
C THR B 19 -13.78 27.48 -17.51
N GLN B 20 -14.71 27.73 -16.60
CA GLN B 20 -15.58 28.91 -16.65
C GLN B 20 -15.04 29.98 -15.73
N LYS B 21 -14.55 29.55 -14.57
CA LYS B 21 -13.96 30.45 -13.58
C LYS B 21 -12.48 30.12 -13.40
N PRO B 22 -11.60 30.78 -14.18
CA PRO B 22 -10.16 30.66 -13.95
C PRO B 22 -9.80 31.08 -12.52
N HIS B 23 -8.93 30.33 -11.87
CA HIS B 23 -8.53 30.65 -10.50
C HIS B 23 -7.35 31.62 -10.51
N LYS B 24 -7.20 32.37 -9.43
CA LYS B 24 -6.12 33.34 -9.32
C LYS B 24 -4.77 32.64 -9.15
N LYS B 25 -3.78 33.01 -9.97
CA LYS B 25 -2.42 32.46 -9.83
C LYS B 25 -1.77 33.01 -8.56
N PRO B 26 -0.80 32.28 -7.98
CA PRO B 26 -0.09 32.82 -6.81
C PRO B 26 0.80 34.00 -7.20
N GLY B 27 1.33 34.72 -6.19
CA GLY B 27 2.21 35.86 -6.43
C GLY B 27 3.62 35.45 -6.83
N LEU B 32 5.42 29.26 -2.09
CA LEU B 32 4.59 28.11 -2.45
C LEU B 32 5.08 26.82 -1.81
N VAL B 33 4.29 26.27 -0.88
CA VAL B 33 4.60 25.00 -0.25
C VAL B 33 4.36 23.88 -1.27
N PHE B 34 5.28 22.92 -1.35
CA PHE B 34 5.23 21.85 -2.35
C PHE B 34 3.91 21.08 -2.37
N GLY B 35 3.35 20.92 -3.57
CA GLY B 35 2.18 20.09 -3.81
C GLY B 35 0.87 20.45 -3.13
N LYS B 36 0.62 21.75 -2.91
CA LYS B 36 -0.61 22.23 -2.26
C LYS B 36 -1.49 23.05 -3.20
N THR B 37 -0.87 23.78 -4.12
CA THR B 37 -1.62 24.65 -5.06
C THR B 37 -1.73 23.96 -6.41
N PHE B 38 -2.94 23.90 -6.96
CA PHE B 38 -3.15 23.22 -8.22
C PHE B 38 -3.61 24.15 -9.34
N THR B 39 -3.48 23.70 -10.57
CA THR B 39 -3.84 24.52 -11.74
C THR B 39 -5.31 24.36 -12.10
N ASP B 40 -5.73 24.98 -13.21
CA ASP B 40 -7.14 25.02 -13.58
C ASP B 40 -7.70 23.76 -14.17
N HIS B 41 -6.88 23.00 -14.90
CA HIS B 41 -7.34 21.81 -15.56
C HIS B 41 -6.66 20.54 -15.06
N MET B 42 -7.21 19.41 -15.49
CA MET B 42 -6.70 18.09 -15.18
C MET B 42 -7.03 17.20 -16.35
N LEU B 43 -6.27 16.14 -16.47
CA LEU B 43 -6.56 15.16 -17.47
C LEU B 43 -7.32 14.06 -16.71
N MET B 44 -8.18 13.36 -17.44
CA MET B 44 -8.97 12.27 -16.89
C MET B 44 -9.27 11.29 -18.01
N VAL B 45 -8.94 10.02 -17.79
CA VAL B 45 -9.25 8.96 -18.73
C VAL B 45 -9.87 7.83 -17.91
N GLU B 46 -10.97 7.26 -18.40
CA GLU B 46 -11.66 6.19 -17.70
C GLU B 46 -11.47 4.92 -18.47
N TRP B 47 -11.30 3.81 -17.76
CA TRP B 47 -11.14 2.50 -18.39
C TRP B 47 -12.17 1.54 -17.81
N ASN B 48 -12.70 0.65 -18.65
CA ASN B 48 -13.62 -0.39 -18.17
C ASN B 48 -13.60 -1.58 -19.13
N ASP B 49 -14.55 -2.48 -18.98
CA ASP B 49 -14.69 -3.66 -19.87
C ASP B 49 -14.77 -3.27 -21.35
N LYS B 50 -15.22 -2.06 -21.64
CA LYS B 50 -15.22 -1.54 -23.02
C LYS B 50 -13.87 -0.90 -23.42
N GLY B 51 -12.83 -1.13 -22.61
CA GLY B 51 -11.51 -0.52 -22.86
C GLY B 51 -11.41 0.93 -22.40
N TRP B 52 -10.41 1.63 -22.90
CA TRP B 52 -10.24 3.05 -22.55
C TRP B 52 -11.27 3.93 -23.21
N GLY B 53 -11.80 4.88 -22.46
CA GLY B 53 -12.65 5.92 -22.99
C GLY B 53 -11.80 7.00 -23.62
N GLN B 54 -12.44 8.11 -23.98
CA GLN B 54 -11.74 9.21 -24.58
C GLN B 54 -11.07 10.05 -23.51
N PRO B 55 -9.77 10.35 -23.72
CA PRO B 55 -9.14 11.22 -22.72
C PRO B 55 -9.79 12.56 -22.79
N ARG B 56 -9.79 13.27 -21.69
CA ARG B 56 -10.35 14.59 -21.68
C ARG B 56 -9.62 15.51 -20.73
N ILE B 57 -9.45 16.76 -21.18
CA ILE B 57 -8.96 17.82 -20.34
C ILE B 57 -10.22 18.52 -19.90
N GLN B 58 -10.37 18.63 -18.60
CA GLN B 58 -11.54 19.17 -18.01
C GLN B 58 -11.06 20.04 -16.88
N PRO B 59 -11.93 20.90 -16.35
CA PRO B 59 -11.57 21.74 -15.21
C PRO B 59 -11.21 20.89 -14.01
N PHE B 60 -10.37 21.44 -13.14
CA PHE B 60 -9.95 20.77 -11.92
C PHE B 60 -11.20 20.52 -11.08
N GLN B 61 -11.41 19.28 -10.66
CA GLN B 61 -12.62 18.93 -9.90
C GLN B 61 -12.47 17.64 -9.09
N ASN B 62 -13.42 17.38 -8.19
CA ASN B 62 -13.32 16.20 -7.33
C ASN B 62 -13.53 14.91 -8.08
N LEU B 63 -13.00 13.85 -7.49
CA LEU B 63 -13.22 12.53 -7.99
C LEU B 63 -14.47 12.05 -7.25
N THR B 64 -15.36 11.38 -7.95
CA THR B 64 -16.48 10.75 -7.27
C THR B 64 -16.27 9.25 -7.40
N LEU B 65 -16.18 8.55 -6.25
CA LEU B 65 -15.87 7.13 -6.24
C LEU B 65 -16.85 6.33 -5.37
N HIS B 66 -17.19 5.16 -5.86
CA HIS B 66 -17.97 4.16 -5.12
C HIS B 66 -17.22 3.88 -3.82
N PRO B 67 -17.94 3.71 -2.69
CA PRO B 67 -17.24 3.53 -1.43
C PRO B 67 -16.50 2.19 -1.27
N ALA B 68 -16.80 1.23 -2.13
CA ALA B 68 -16.08 -0.04 -2.23
C ALA B 68 -14.91 0.03 -3.24
N SER B 69 -14.55 1.22 -3.72
CA SER B 69 -13.51 1.34 -4.75
C SER B 69 -12.22 0.68 -4.28
N SER B 70 -11.66 -0.20 -5.12
CA SER B 70 -10.44 -0.93 -4.77
C SER B 70 -9.20 -0.05 -4.58
N SER B 71 -9.27 1.19 -5.06
CA SER B 71 -8.22 2.18 -4.86
C SER B 71 -8.08 2.53 -3.39
N LEU B 72 -9.19 2.47 -2.64
CA LEU B 72 -9.26 2.83 -1.22
C LEU B 72 -9.21 1.65 -0.23
N HIS B 73 -9.49 0.45 -0.70
CA HIS B 73 -9.46 -0.74 0.17
C HIS B 73 -8.17 -1.54 0.03
N TYR B 74 -7.72 -1.74 -1.20
CA TYR B 74 -6.60 -2.62 -1.56
C TYR B 74 -5.46 -1.91 -2.30
N SER B 75 -5.43 -0.60 -2.15
CA SER B 75 -4.35 0.23 -2.64
C SER B 75 -4.00 -0.05 -4.12
N LEU B 76 -5.01 -0.19 -4.98
CA LEU B 76 -4.76 -0.32 -6.42
C LEU B 76 -4.53 1.10 -6.92
N GLN B 77 -3.31 1.56 -6.70
CA GLN B 77 -2.96 2.93 -6.96
C GLN B 77 -1.44 3.06 -7.20
N LEU B 78 -1.09 3.90 -8.18
CA LEU B 78 0.33 4.19 -8.48
C LEU B 78 0.39 5.61 -9.00
N PHE B 79 1.56 6.22 -8.92
CA PHE B 79 1.70 7.62 -9.32
C PHE B 79 3.05 7.87 -9.99
N GLU B 80 3.20 9.05 -10.56
CA GLU B 80 4.47 9.48 -11.12
C GLU B 80 4.70 10.91 -10.71
N GLY B 81 5.92 11.40 -10.94
CA GLY B 81 6.27 12.74 -10.59
C GLY B 81 7.37 13.24 -11.49
N MET B 82 7.11 14.36 -12.15
CA MET B 82 8.09 14.97 -13.05
C MET B 82 7.87 16.46 -13.09
N LYS B 83 8.88 17.18 -13.59
CA LYS B 83 8.86 18.61 -13.58
C LYS B 83 8.94 19.20 -15.00
N ALA B 84 8.22 20.30 -15.16
CA ALA B 84 8.27 21.13 -16.37
C ALA B 84 8.94 22.41 -15.96
N PHE B 85 9.73 22.97 -16.87
CA PHE B 85 10.49 24.17 -16.60
C PHE B 85 10.29 25.18 -17.71
N LYS B 86 10.13 26.43 -17.31
CA LYS B 86 9.93 27.53 -18.25
C LYS B 86 11.23 28.37 -18.29
N GLY B 87 11.91 28.34 -19.44
CA GLY B 87 13.14 29.11 -19.64
C GLY B 87 12.85 30.58 -19.88
N LYS B 88 13.90 31.38 -20.01
CA LYS B 88 13.74 32.83 -20.19
C LYS B 88 12.96 33.17 -21.47
N ASP B 89 13.09 32.32 -22.48
CA ASP B 89 12.29 32.46 -23.71
C ASP B 89 10.81 32.09 -23.51
N GLN B 90 10.36 31.91 -22.27
CA GLN B 90 8.98 31.53 -21.95
C GLN B 90 8.56 30.18 -22.56
N GLN B 91 9.54 29.41 -23.07
CA GLN B 91 9.30 28.08 -23.60
C GLN B 91 9.27 27.12 -22.39
N VAL B 92 8.32 26.20 -22.42
CA VAL B 92 8.15 25.20 -21.36
C VAL B 92 8.68 23.85 -21.83
N ARG B 93 9.48 23.20 -20.98
CA ARG B 93 10.06 21.91 -21.29
C ARG B 93 9.93 20.89 -20.15
N LEU B 94 9.63 19.65 -20.49
CA LEU B 94 9.61 18.55 -19.52
C LEU B 94 10.98 17.89 -19.47
N PHE B 95 11.42 17.54 -18.27
CA PHE B 95 12.66 16.78 -18.09
C PHE B 95 12.46 15.28 -18.22
N ARG B 96 13.12 14.72 -19.22
CA ARG B 96 13.12 13.29 -19.55
C ARG B 96 11.80 12.53 -19.28
N PRO B 97 10.67 13.10 -19.72
CA PRO B 97 9.35 12.52 -19.42
C PRO B 97 9.12 11.07 -19.86
N TRP B 98 9.81 10.64 -20.91
CA TRP B 98 9.73 9.27 -21.41
C TRP B 98 10.07 8.25 -20.31
N LEU B 99 11.03 8.60 -19.45
CA LEU B 99 11.44 7.67 -18.39
C LEU B 99 10.34 7.47 -17.34
N ASN B 100 9.64 8.54 -17.02
CA ASN B 100 8.48 8.48 -16.14
C ASN B 100 7.37 7.66 -16.76
N MET B 101 7.14 7.85 -18.07
CA MET B 101 6.14 7.04 -18.76
C MET B 101 6.49 5.56 -18.74
N ASP B 102 7.76 5.23 -18.98
CA ASP B 102 8.22 3.84 -18.89
C ASP B 102 7.96 3.26 -17.50
N ARG B 103 8.27 4.04 -16.47
CA ARG B 103 8.17 3.57 -15.09
C ARG B 103 6.68 3.44 -14.67
N MET B 104 5.86 4.36 -15.13
CA MET B 104 4.41 4.27 -14.86
C MET B 104 3.79 2.99 -15.44
N LEU B 105 4.16 2.64 -16.66
CA LEU B 105 3.63 1.42 -17.27
C LEU B 105 4.13 0.18 -16.51
N ARG B 106 5.38 0.18 -16.05
CA ARG B 106 5.84 -0.95 -15.27
C ARG B 106 5.02 -1.04 -13.95
N SER B 107 4.80 0.08 -13.29
CA SER B 107 3.98 0.08 -12.07
C SER B 107 2.57 -0.48 -12.38
N ALA B 108 1.98 -0.02 -13.48
CA ALA B 108 0.63 -0.44 -13.89
C ALA B 108 0.54 -1.94 -14.05
N MET B 109 1.53 -2.54 -14.71
CA MET B 109 1.55 -3.96 -14.91
C MET B 109 1.67 -4.69 -13.58
N ARG B 110 2.48 -4.15 -12.67
CA ARG B 110 2.69 -4.81 -11.38
C ARG B 110 1.39 -4.90 -10.57
N LEU B 111 0.51 -3.91 -10.71
CA LEU B 111 -0.77 -3.88 -9.98
C LEU B 111 -1.95 -4.38 -10.83
N CYS B 112 -1.66 -5.03 -11.95
CA CYS B 112 -2.72 -5.53 -12.83
C CYS B 112 -3.69 -4.43 -13.27
N LEU B 113 -3.17 -3.22 -13.48
CA LEU B 113 -3.98 -2.10 -13.96
C LEU B 113 -3.78 -2.01 -15.47
N PRO B 114 -4.71 -1.36 -16.19
CA PRO B 114 -4.63 -1.42 -17.64
C PRO B 114 -3.43 -0.73 -18.27
N SER B 115 -2.81 -1.44 -19.21
CA SER B 115 -1.75 -0.93 -20.08
C SER B 115 -2.30 0.22 -20.90
N PHE B 116 -1.41 1.13 -21.30
CA PHE B 116 -1.75 2.31 -22.11
C PHE B 116 -0.53 2.65 -22.99
N ASP B 117 -0.72 3.56 -23.94
CA ASP B 117 0.38 3.90 -24.87
C ASP B 117 1.12 5.09 -24.26
N LYS B 118 2.40 4.89 -24.02
CA LYS B 118 3.24 5.88 -23.34
C LYS B 118 3.35 7.18 -24.10
N LEU B 119 3.53 7.08 -25.42
CA LEU B 119 3.59 8.27 -26.28
C LEU B 119 2.25 9.00 -26.29
N GLU B 120 1.14 8.25 -26.34
CA GLU B 120 -0.19 8.86 -26.26
C GLU B 120 -0.43 9.62 -24.96
N LEU B 121 -0.04 9.04 -23.82
CA LEU B 121 -0.21 9.74 -22.54
C LEU B 121 0.67 10.98 -22.47
N LEU B 122 1.90 10.87 -22.97
CA LEU B 122 2.77 12.03 -22.94
C LEU B 122 2.13 13.16 -23.73
N GLU B 123 1.58 12.84 -24.90
CA GLU B 123 0.96 13.88 -25.73
C GLU B 123 -0.21 14.51 -24.98
N CYS B 124 -1.02 13.71 -24.27
CA CYS B 124 -2.12 14.26 -23.46
C CYS B 124 -1.62 15.19 -22.36
N ILE B 125 -0.54 14.80 -21.69
CA ILE B 125 0.05 15.63 -20.66
C ILE B 125 0.62 16.91 -21.29
N ARG B 126 1.25 16.77 -22.46
CA ARG B 126 1.75 17.94 -23.19
C ARG B 126 0.62 18.93 -23.43
N ARG B 127 -0.50 18.42 -23.94
CA ARG B 127 -1.68 19.25 -24.22
C ARG B 127 -2.21 19.87 -22.96
N LEU B 128 -2.17 19.12 -21.86
CA LEU B 128 -2.63 19.63 -20.57
C LEU B 128 -1.78 20.77 -20.05
N ILE B 129 -0.46 20.61 -20.12
CA ILE B 129 0.43 21.66 -19.65
C ILE B 129 0.28 22.88 -20.58
N GLU B 130 0.19 22.63 -21.89
CA GLU B 130 0.01 23.71 -22.86
C GLU B 130 -1.24 24.53 -22.52
N VAL B 131 -2.35 23.86 -22.21
CA VAL B 131 -3.57 24.55 -21.78
C VAL B 131 -3.35 25.38 -20.51
N ASP B 132 -2.56 24.85 -19.57
CA ASP B 132 -2.27 25.55 -18.32
C ASP B 132 -0.87 26.19 -18.31
N LYS B 133 -0.30 26.46 -19.48
CA LYS B 133 1.07 26.99 -19.59
C LYS B 133 1.38 28.21 -18.71
N ASP B 134 0.40 29.09 -18.50
CA ASP B 134 0.60 30.30 -17.71
C ASP B 134 0.81 30.03 -16.21
N TRP B 135 0.49 28.83 -15.74
CA TRP B 135 0.78 28.43 -14.35
C TRP B 135 2.24 28.05 -14.15
N VAL B 136 2.94 27.74 -15.24
CA VAL B 136 4.34 27.35 -15.10
C VAL B 136 5.12 28.61 -14.74
N PRO B 137 5.63 28.68 -13.50
CA PRO B 137 6.38 29.85 -13.09
C PRO B 137 7.75 29.87 -13.76
N ASP B 138 8.37 31.05 -13.80
CA ASP B 138 9.67 31.21 -14.46
C ASP B 138 10.73 31.86 -13.58
N ALA B 139 10.39 32.09 -12.31
CA ALA B 139 11.37 32.65 -11.40
C ALA B 139 12.46 31.62 -11.19
N ALA B 140 13.59 32.05 -10.65
CA ALA B 140 14.71 31.16 -10.40
C ALA B 140 14.31 30.04 -9.43
N GLY B 141 14.70 28.81 -9.75
CA GLY B 141 14.40 27.66 -8.88
C GLY B 141 12.94 27.23 -8.83
N THR B 142 12.15 27.66 -9.80
CA THR B 142 10.73 27.29 -9.87
C THR B 142 10.44 26.36 -11.04
N SER B 143 9.34 25.62 -10.88
CA SER B 143 8.92 24.62 -11.83
C SER B 143 7.45 24.29 -11.61
N LEU B 144 6.91 23.53 -12.53
CA LEU B 144 5.57 23.00 -12.42
C LEU B 144 5.74 21.49 -12.16
N TYR B 145 5.17 20.99 -11.08
CA TYR B 145 5.19 19.56 -10.77
C TYR B 145 3.98 18.90 -11.42
N VAL B 146 4.22 17.78 -12.05
CA VAL B 146 3.21 17.07 -12.84
C VAL B 146 3.01 15.71 -12.14
N ARG B 147 1.76 15.43 -11.76
CA ARG B 147 1.44 14.22 -10.99
C ARG B 147 0.41 13.37 -11.73
N PRO B 148 0.90 12.39 -12.52
CA PRO B 148 0.00 11.43 -13.07
C PRO B 148 -0.33 10.37 -12.02
N VAL B 149 -1.51 9.77 -12.16
CA VAL B 149 -1.98 8.77 -11.20
C VAL B 149 -2.83 7.80 -11.97
N LEU B 150 -2.68 6.50 -11.65
CA LEU B 150 -3.55 5.47 -12.16
C LEU B 150 -4.11 4.71 -10.96
N ILE B 151 -5.43 4.56 -10.90
CA ILE B 151 -6.08 3.84 -9.78
C ILE B 151 -7.11 2.82 -10.25
N GLY B 152 -7.24 1.75 -9.48
CA GLY B 152 -8.27 0.78 -9.71
C GLY B 152 -9.55 1.39 -9.18
N ASN B 153 -10.68 0.95 -9.72
CA ASN B 153 -11.97 1.50 -9.34
C ASN B 153 -13.08 0.44 -9.42
N GLU B 154 -12.79 -0.78 -8.96
CA GLU B 154 -13.78 -1.86 -8.91
C GLU B 154 -14.64 -1.71 -7.65
N PRO B 155 -15.98 -1.72 -7.78
CA PRO B 155 -16.81 -1.57 -6.60
C PRO B 155 -17.05 -2.94 -5.97
N SER B 156 -15.99 -3.56 -5.44
CA SER B 156 -16.04 -4.94 -4.96
C SER B 156 -15.03 -5.16 -3.85
N LEU B 157 -15.43 -5.86 -2.79
CA LEU B 157 -14.52 -6.12 -1.69
C LEU B 157 -13.59 -7.37 -1.90
N GLY B 158 -13.76 -8.08 -3.00
CA GLY B 158 -12.87 -9.19 -3.32
C GLY B 158 -11.54 -8.60 -3.79
N VAL B 159 -10.43 -9.15 -3.31
CA VAL B 159 -9.13 -8.67 -3.74
C VAL B 159 -8.94 -9.27 -5.12
N SER B 160 -9.08 -8.47 -6.18
CA SER B 160 -9.05 -9.02 -7.53
C SER B 160 -8.58 -7.99 -8.55
N GLN B 161 -8.28 -8.45 -9.77
CA GLN B 161 -7.86 -7.56 -10.85
C GLN B 161 -9.06 -6.67 -11.16
N PRO B 162 -8.86 -5.34 -11.16
CA PRO B 162 -10.01 -4.49 -11.39
C PRO B 162 -10.47 -4.52 -12.86
N THR B 163 -11.76 -4.34 -13.05
CA THR B 163 -12.37 -4.30 -14.38
C THR B 163 -12.70 -2.87 -14.72
N ARG B 164 -12.39 -1.95 -13.80
CA ARG B 164 -12.53 -0.52 -14.02
C ARG B 164 -11.32 0.22 -13.42
N ALA B 165 -10.96 1.35 -14.03
CA ALA B 165 -9.81 2.13 -13.58
C ALA B 165 -9.91 3.56 -14.04
N LEU B 166 -9.18 4.45 -13.35
CA LEU B 166 -9.12 5.87 -13.74
C LEU B 166 -7.66 6.32 -13.81
N LEU B 167 -7.33 7.02 -14.88
CA LEU B 167 -6.02 7.64 -15.01
C LEU B 167 -6.26 9.13 -15.03
N PHE B 168 -5.65 9.87 -14.12
CA PHE B 168 -5.76 11.32 -14.13
C PHE B 168 -4.42 12.01 -13.93
N VAL B 169 -4.36 13.28 -14.31
CA VAL B 169 -3.12 14.04 -14.14
C VAL B 169 -3.46 15.40 -13.62
N ILE B 170 -2.78 15.78 -12.54
CA ILE B 170 -2.91 17.09 -11.97
C ILE B 170 -1.55 17.78 -11.98
N LEU B 171 -1.58 19.11 -11.88
CA LEU B 171 -0.36 19.94 -11.99
C LEU B 171 -0.29 20.89 -10.83
N CYS B 172 0.93 21.10 -10.31
CA CYS B 172 1.20 22.02 -9.17
C CYS B 172 2.38 22.95 -9.46
N PRO B 173 2.20 24.29 -9.33
CA PRO B 173 3.41 25.12 -9.41
C PRO B 173 4.21 25.00 -8.12
N VAL B 174 5.54 24.88 -8.20
CA VAL B 174 6.37 24.75 -7.01
C VAL B 174 7.54 25.73 -7.01
N GLY B 175 8.09 25.97 -5.81
CA GLY B 175 9.20 26.89 -5.61
C GLY B 175 10.52 26.15 -5.53
N VAL B 183 21.47 24.73 -1.57
CA VAL B 183 21.79 23.48 -0.89
C VAL B 183 21.89 23.65 0.62
N THR B 184 20.85 23.19 1.34
CA THR B 184 20.88 23.11 2.80
C THR B 184 21.01 21.64 3.18
N PRO B 185 22.07 21.28 3.94
CA PRO B 185 22.31 19.89 4.29
C PRO B 185 21.36 19.34 5.37
N VAL B 186 21.08 18.05 5.32
CA VAL B 186 20.15 17.41 6.27
C VAL B 186 20.81 16.34 7.13
N SER B 187 20.13 16.01 8.22
CA SER B 187 20.56 14.96 9.14
C SER B 187 19.63 13.78 8.98
N LEU B 188 20.18 12.58 9.05
CA LEU B 188 19.41 11.37 8.84
C LEU B 188 19.45 10.44 10.04
N LEU B 189 18.33 9.78 10.35
CA LEU B 189 18.34 8.70 11.33
C LEU B 189 18.51 7.37 10.58
N ALA B 190 19.51 6.59 10.99
CA ALA B 190 19.77 5.28 10.40
C ALA B 190 19.47 4.19 11.43
N ASP B 191 18.24 3.72 11.44
CA ASP B 191 17.80 2.70 12.37
C ASP B 191 17.31 1.48 11.57
N PRO B 192 18.01 0.34 11.71
CA PRO B 192 17.64 -0.85 10.94
C PRO B 192 16.30 -1.48 11.27
N ALA B 193 15.66 -1.06 12.36
CA ALA B 193 14.36 -1.59 12.69
C ALA B 193 13.29 -1.33 11.60
N PHE B 194 13.45 -0.22 10.88
CA PHE B 194 12.48 0.22 9.89
C PHE B 194 12.93 -0.23 8.50
N ILE B 195 12.08 -0.96 7.79
CA ILE B 195 12.46 -1.48 6.50
C ILE B 195 11.49 -1.02 5.41
N ARG B 196 11.98 -0.21 4.47
CA ARG B 196 11.18 0.40 3.41
C ARG B 196 10.71 -0.59 2.34
N ALA B 197 11.55 -1.58 2.03
CA ALA B 197 11.32 -2.50 0.92
C ALA B 197 12.18 -3.75 1.06
N TRP B 198 11.79 -4.78 0.35
CA TRP B 198 12.41 -6.10 0.48
C TRP B 198 12.63 -6.70 -0.89
N VAL B 199 13.68 -7.50 -1.03
CA VAL B 199 13.94 -8.19 -2.30
C VAL B 199 12.73 -9.08 -2.56
N GLY B 200 12.19 -9.01 -3.77
CA GLY B 200 10.97 -9.73 -4.07
C GLY B 200 9.70 -8.93 -3.84
N GLY B 201 9.79 -7.75 -3.22
CA GLY B 201 8.61 -6.91 -2.98
C GLY B 201 8.38 -5.92 -4.11
N VAL B 202 7.89 -4.73 -3.76
CA VAL B 202 7.51 -3.71 -4.74
C VAL B 202 8.13 -2.32 -4.51
N GLY B 203 9.22 -2.29 -3.75
CA GLY B 203 9.95 -1.06 -3.46
C GLY B 203 10.50 -0.38 -4.69
N ASN B 204 10.72 -1.14 -5.75
CA ASN B 204 11.23 -0.60 -7.02
C ASN B 204 10.14 -0.08 -7.96
N TYR B 205 8.90 0.02 -7.49
CA TYR B 205 7.79 0.56 -8.28
C TYR B 205 7.23 1.77 -7.51
N LYS B 206 6.67 2.74 -8.23
CA LYS B 206 6.17 3.96 -7.59
C LYS B 206 4.68 3.79 -7.20
N LEU B 207 4.43 2.89 -6.25
CA LEU B 207 3.09 2.54 -5.77
C LEU B 207 2.78 3.23 -4.47
N GLY B 208 1.54 3.68 -4.29
CA GLY B 208 1.17 4.40 -3.08
C GLY B 208 1.50 3.67 -1.80
N GLY B 209 1.30 2.34 -1.81
CA GLY B 209 1.54 1.48 -0.65
C GLY B 209 2.92 1.57 -0.05
N ASN B 210 3.91 2.04 -0.84
CA ASN B 210 5.26 2.16 -0.33
C ASN B 210 5.47 3.40 0.52
N TYR B 211 4.52 4.35 0.48
CA TYR B 211 4.72 5.66 1.12
C TYR B 211 4.00 5.85 2.47
N GLY B 212 2.73 5.47 2.56
CA GLY B 212 2.03 5.55 3.85
C GLY B 212 2.77 5.03 5.10
N PRO B 213 3.39 3.86 5.01
CA PRO B 213 4.08 3.26 6.16
C PRO B 213 5.31 4.04 6.63
N THR B 214 5.79 4.96 5.79
CA THR B 214 6.98 5.75 6.11
C THR B 214 6.66 6.98 6.96
N VAL B 215 5.39 7.39 7.00
CA VAL B 215 5.01 8.61 7.72
C VAL B 215 5.41 8.54 9.20
N LEU B 216 5.08 7.45 9.85
CA LEU B 216 5.42 7.27 11.24
C LEU B 216 6.93 7.21 11.43
N VAL B 217 7.62 6.56 10.49
CA VAL B 217 9.05 6.41 10.61
C VAL B 217 9.71 7.79 10.58
N GLN B 218 9.22 8.64 9.69
CA GLN B 218 9.71 10.03 9.58
C GLN B 218 9.43 10.82 10.87
N GLN B 219 8.26 10.62 11.47
CA GLN B 219 7.98 11.27 12.76
C GLN B 219 8.95 10.87 13.84
N GLU B 220 9.35 9.60 13.83
CA GLU B 220 10.32 9.07 14.79
C GLU B 220 11.71 9.67 14.57
N ALA B 221 12.07 9.90 13.30
CA ALA B 221 13.33 10.58 12.98
C ALA B 221 13.31 11.98 13.58
N LEU B 222 12.21 12.71 13.39
CA LEU B 222 12.06 14.05 13.97
C LEU B 222 12.15 13.99 15.51
N LYS B 223 11.46 13.03 16.12
CA LYS B 223 11.55 12.83 17.58
C LYS B 223 12.99 12.66 18.04
N ARG B 224 13.80 11.91 17.29
CA ARG B 224 15.20 11.68 17.66
C ARG B 224 16.15 12.78 17.13
N GLY B 225 15.60 13.95 16.77
CA GLY B 225 16.42 15.08 16.33
C GLY B 225 16.97 15.04 14.90
N CYS B 226 16.42 14.18 14.05
CA CYS B 226 16.87 14.07 12.66
C CYS B 226 15.79 14.55 11.70
N GLU B 227 16.21 14.97 10.52
CA GLU B 227 15.28 15.54 9.56
C GLU B 227 14.64 14.50 8.65
N GLN B 228 15.33 13.40 8.43
CA GLN B 228 14.89 12.38 7.45
C GLN B 228 15.39 11.02 7.84
N VAL B 229 14.93 10.04 7.09
CA VAL B 229 15.29 8.65 7.32
C VAL B 229 16.30 8.17 6.30
N LEU B 230 17.35 7.51 6.79
CA LEU B 230 18.29 6.75 5.99
C LEU B 230 17.82 5.29 6.06
N TRP B 231 17.32 4.78 4.93
CA TRP B 231 16.70 3.46 4.91
C TRP B 231 17.75 2.39 4.78
N LEU B 232 17.90 1.56 5.80
CA LEU B 232 18.89 0.48 5.73
C LEU B 232 18.25 -0.84 5.35
N TYR B 233 19.04 -1.74 4.75
CA TYR B 233 18.55 -3.05 4.35
C TYR B 233 19.58 -4.15 4.54
N GLY B 234 19.09 -5.30 5.00
CA GLY B 234 19.91 -6.49 5.14
C GLY B 234 20.71 -6.51 6.43
N PRO B 235 21.28 -7.68 6.76
CA PRO B 235 22.03 -7.81 8.01
C PRO B 235 23.32 -6.98 7.99
N ASP B 236 23.82 -6.67 6.79
CA ASP B 236 25.02 -5.85 6.64
C ASP B 236 24.72 -4.32 6.52
N HIS B 237 23.48 -3.94 6.78
CA HIS B 237 23.08 -2.52 6.84
C HIS B 237 23.45 -1.71 5.59
N GLN B 238 22.90 -2.13 4.45
CA GLN B 238 23.10 -1.44 3.18
C GLN B 238 22.32 -0.13 3.21
N LEU B 239 22.94 0.94 2.74
CA LEU B 239 22.28 2.23 2.59
C LEU B 239 21.54 2.17 1.27
N THR B 240 20.22 2.25 1.31
CA THR B 240 19.42 2.10 0.11
C THR B 240 18.91 3.42 -0.43
N GLU B 241 18.23 4.17 0.42
CA GLU B 241 17.61 5.43 0.02
C GLU B 241 17.57 6.39 1.20
N VAL B 242 17.38 7.68 0.89
N VAL B 242 17.38 7.68 0.89
CA VAL B 242 17.23 8.71 1.92
CA VAL B 242 17.25 8.72 1.91
C VAL B 242 15.91 9.42 1.72
C VAL B 242 15.91 9.42 1.72
N GLY B 243 15.01 9.26 2.70
CA GLY B 243 13.67 9.80 2.60
C GLY B 243 12.98 9.19 1.38
N THR B 244 12.60 10.05 0.45
CA THR B 244 12.03 9.65 -0.82
C THR B 244 13.03 9.84 -1.97
N MET B 245 14.33 9.83 -1.66
CA MET B 245 15.38 10.12 -2.63
C MET B 245 16.39 8.98 -2.72
N ASN B 246 17.02 8.82 -3.89
CA ASN B 246 18.08 7.84 -4.07
C ASN B 246 19.33 8.37 -3.37
N ILE B 247 20.25 7.49 -3.02
CA ILE B 247 21.45 7.94 -2.30
C ILE B 247 22.72 7.78 -3.11
N PHE B 248 23.58 8.79 -3.03
CA PHE B 248 24.87 8.80 -3.68
C PHE B 248 26.01 9.08 -2.68
N VAL B 249 27.14 8.41 -2.88
CA VAL B 249 28.36 8.67 -2.10
C VAL B 249 29.52 8.95 -3.09
N TYR B 250 30.22 10.04 -2.83
CA TYR B 250 31.40 10.43 -3.57
C TYR B 250 32.55 10.25 -2.59
N TRP B 251 33.44 9.32 -2.90
CA TRP B 251 34.53 9.02 -1.99
C TRP B 251 35.69 8.38 -2.73
N THR B 252 36.81 8.25 -2.01
CA THR B 252 37.93 7.45 -2.48
C THR B 252 37.62 6.08 -1.91
N HIS B 253 37.44 5.08 -2.77
CA HIS B 253 37.07 3.73 -2.35
C HIS B 253 38.27 3.00 -1.73
N GLU B 254 37.99 1.84 -1.12
CA GLU B 254 39.02 0.99 -0.48
C GLU B 254 40.24 0.67 -1.35
N ASP B 255 40.08 0.71 -2.67
CA ASP B 255 41.19 0.46 -3.59
C ASP B 255 41.93 1.77 -3.94
N GLY B 256 41.60 2.86 -3.25
CA GLY B 256 42.26 4.16 -3.48
C GLY B 256 41.82 4.91 -4.73
N VAL B 257 40.73 4.46 -5.37
CA VAL B 257 40.24 5.12 -6.57
C VAL B 257 39.04 6.03 -6.24
N LEU B 258 39.12 7.29 -6.66
CA LEU B 258 38.03 8.26 -6.48
C LEU B 258 36.82 7.82 -7.30
N GLU B 259 35.67 7.65 -6.63
CA GLU B 259 34.48 7.20 -7.34
C GLU B 259 33.18 7.80 -6.79
N LEU B 260 32.18 7.77 -7.66
CA LEU B 260 30.81 8.11 -7.28
C LEU B 260 30.08 6.79 -7.36
N VAL B 261 29.40 6.43 -6.27
CA VAL B 261 28.68 5.16 -6.15
C VAL B 261 27.24 5.40 -5.67
N THR B 262 26.35 4.53 -6.14
CA THR B 262 24.94 4.55 -5.75
C THR B 262 24.54 3.06 -5.77
N PRO B 263 23.59 2.65 -4.90
CA PRO B 263 23.21 1.24 -4.90
C PRO B 263 22.60 0.82 -6.23
N PRO B 264 22.82 -0.44 -6.64
CA PRO B 264 22.33 -0.95 -7.89
C PRO B 264 20.84 -1.26 -7.83
N LEU B 265 20.22 -1.41 -8.99
CA LEU B 265 18.80 -1.70 -9.06
C LEU B 265 18.55 -3.21 -8.86
N ASN B 266 18.61 -3.61 -7.60
CA ASN B 266 18.46 -5.00 -7.24
C ASN B 266 17.08 -5.33 -6.70
N GLY B 267 16.17 -4.36 -6.69
CA GLY B 267 14.80 -4.62 -6.25
C GLY B 267 14.29 -3.74 -5.14
N VAL B 268 15.17 -3.31 -4.24
CA VAL B 268 14.80 -2.46 -3.12
C VAL B 268 15.05 -0.99 -3.43
N ILE B 269 15.50 -0.70 -4.66
CA ILE B 269 15.82 0.68 -5.06
C ILE B 269 14.86 1.20 -6.11
N LEU B 270 14.26 2.36 -5.87
CA LEU B 270 13.41 3.00 -6.87
C LEU B 270 14.35 3.58 -7.96
N PRO B 271 14.16 3.17 -9.22
CA PRO B 271 15.03 3.74 -10.28
C PRO B 271 14.69 5.19 -10.62
N GLY B 272 15.28 6.09 -9.85
CA GLY B 272 15.02 7.51 -10.02
C GLY B 272 15.50 8.05 -11.37
N VAL B 273 14.76 9.02 -11.90
CA VAL B 273 15.12 9.68 -13.14
C VAL B 273 16.31 10.62 -12.88
N VAL B 274 16.30 11.28 -11.73
CA VAL B 274 17.41 12.15 -11.38
C VAL B 274 18.63 11.27 -11.16
N ARG B 275 18.49 10.17 -10.39
CA ARG B 275 19.58 9.19 -10.20
C ARG B 275 20.30 8.79 -11.51
N GLN B 276 19.52 8.36 -12.49
CA GLN B 276 20.06 7.93 -13.78
C GLN B 276 20.77 9.08 -14.49
N SER B 277 20.22 10.28 -14.38
CA SER B 277 20.81 11.46 -15.00
C SER B 277 22.16 11.81 -14.40
N LEU B 278 22.27 11.70 -13.09
CA LEU B 278 23.55 11.95 -12.43
C LEU B 278 24.62 10.92 -12.85
N LEU B 279 24.22 9.66 -12.97
CA LEU B 279 25.11 8.63 -13.50
C LEU B 279 25.54 8.96 -14.93
N ASP B 280 24.58 9.35 -15.76
CA ASP B 280 24.83 9.69 -17.17
C ASP B 280 25.80 10.88 -17.30
N MET B 281 25.58 11.94 -16.52
CA MET B 281 26.45 13.11 -16.52
C MET B 281 27.86 12.78 -16.08
N ALA B 282 27.99 12.06 -14.96
CA ALA B 282 29.30 11.72 -14.41
C ALA B 282 30.06 10.76 -15.32
N GLN B 283 29.33 9.87 -15.99
CA GLN B 283 29.95 8.96 -16.94
C GLN B 283 30.46 9.75 -18.14
N THR B 284 29.59 10.59 -18.70
CA THR B 284 29.96 11.47 -19.81
C THR B 284 31.25 12.28 -19.54
N TRP B 285 31.41 12.79 -18.32
CA TRP B 285 32.59 13.58 -17.98
C TRP B 285 33.89 12.78 -18.02
N GLY B 286 33.84 11.51 -17.63
CA GLY B 286 35.02 10.64 -17.64
C GLY B 286 36.16 11.05 -16.71
N GLU B 287 35.85 11.76 -15.63
CA GLU B 287 36.89 12.25 -14.73
C GLU B 287 37.13 11.35 -13.52
N PHE B 288 36.16 10.50 -13.22
CA PHE B 288 36.27 9.58 -12.09
C PHE B 288 35.38 8.37 -12.33
N ARG B 289 35.59 7.34 -11.53
CA ARG B 289 34.85 6.11 -11.68
C ARG B 289 33.41 6.32 -11.19
N VAL B 290 32.48 5.84 -12.01
CA VAL B 290 31.05 5.85 -11.72
C VAL B 290 30.63 4.37 -11.64
N VAL B 291 30.04 3.97 -10.51
CA VAL B 291 29.70 2.58 -10.30
C VAL B 291 28.38 2.42 -9.55
N GLU B 292 27.70 1.33 -9.85
CA GLU B 292 26.51 0.95 -9.12
C GLU B 292 26.93 -0.25 -8.26
N ARG B 293 27.04 -0.04 -6.96
CA ARG B 293 27.45 -1.07 -6.03
C ARG B 293 26.76 -0.84 -4.72
N THR B 294 26.52 -1.93 -3.98
CA THR B 294 25.91 -1.79 -2.67
C THR B 294 26.91 -1.05 -1.78
N ILE B 295 26.37 -0.32 -0.82
CA ILE B 295 27.13 0.50 0.10
C ILE B 295 26.66 0.14 1.49
N THR B 296 27.56 -0.34 2.36
CA THR B 296 27.18 -0.73 3.72
C THR B 296 27.61 0.32 4.74
N MET B 297 26.96 0.31 5.91
CA MET B 297 27.36 1.20 7.01
C MET B 297 28.79 0.94 7.48
N LYS B 298 29.22 -0.31 7.34
CA LYS B 298 30.56 -0.71 7.75
C LYS B 298 31.59 -0.05 6.83
N GLN B 299 31.30 0.02 5.53
CA GLN B 299 32.20 0.70 4.59
C GLN B 299 32.21 2.21 4.82
N LEU B 300 31.05 2.76 5.15
CA LEU B 300 30.93 4.20 5.36
C LEU B 300 31.71 4.63 6.59
N LEU B 301 31.54 3.90 7.69
CA LEU B 301 32.26 4.20 8.93
C LEU B 301 33.78 4.16 8.72
N ARG B 302 34.27 3.11 8.06
CA ARG B 302 35.70 3.00 7.80
C ARG B 302 36.21 4.15 6.91
N ALA B 303 35.45 4.48 5.87
CA ALA B 303 35.81 5.57 4.97
C ALA B 303 35.81 6.91 5.71
N LEU B 304 34.84 7.10 6.60
CA LEU B 304 34.75 8.34 7.39
C LEU B 304 35.94 8.46 8.38
N GLU B 305 36.34 7.33 8.98
CA GLU B 305 37.49 7.33 9.88
C GLU B 305 38.80 7.62 9.13
N GLU B 306 38.91 7.15 7.89
CA GLU B 306 40.12 7.30 7.11
C GLU B 306 40.09 8.57 6.29
N GLY B 307 39.04 9.36 6.43
CA GLY B 307 38.92 10.63 5.71
C GLY B 307 38.71 10.49 4.22
N ARG B 308 38.07 9.40 3.80
CA ARG B 308 37.91 9.14 2.37
C ARG B 308 36.61 9.66 1.75
N VAL B 309 35.65 10.03 2.60
CA VAL B 309 34.34 10.51 2.13
C VAL B 309 34.38 11.99 1.81
N ARG B 310 33.99 12.33 0.59
CA ARG B 310 33.84 13.72 0.20
C ARG B 310 32.41 14.24 0.39
N GLU B 311 31.45 13.55 -0.23
CA GLU B 311 30.07 14.05 -0.28
C GLU B 311 29.10 12.92 -0.24
N VAL B 312 28.04 13.11 0.52
CA VAL B 312 26.92 12.15 0.56
C VAL B 312 25.66 12.95 0.27
N PHE B 313 24.82 12.47 -0.63
CA PHE B 313 23.62 13.21 -0.97
C PHE B 313 22.50 12.36 -1.57
N GLY B 314 21.31 12.92 -1.53
CA GLY B 314 20.15 12.30 -2.14
C GLY B 314 19.79 12.92 -3.48
N SER B 315 19.12 12.15 -4.33
CA SER B 315 18.62 12.67 -5.61
C SER B 315 17.13 12.35 -5.77
N GLY B 316 16.38 13.29 -6.34
CA GLY B 316 14.95 13.10 -6.55
C GLY B 316 14.31 14.34 -7.17
N THR B 317 13.13 14.18 -7.76
CA THR B 317 12.50 15.24 -8.53
C THR B 317 12.15 16.48 -7.72
N ALA B 318 11.43 16.30 -6.61
CA ALA B 318 10.98 17.44 -5.80
C ALA B 318 12.11 18.30 -5.27
N CYS B 319 13.18 17.68 -4.76
CA CYS B 319 14.27 18.42 -4.13
C CYS B 319 15.57 18.48 -4.94
N GLN B 320 15.63 17.73 -6.03
CA GLN B 320 16.80 17.69 -6.91
C GLN B 320 18.00 16.96 -6.31
N VAL B 321 18.93 17.67 -5.67
CA VAL B 321 20.08 17.05 -5.04
C VAL B 321 20.19 17.63 -3.64
N CYS B 322 20.20 16.77 -2.63
N CYS B 322 20.10 16.78 -2.62
CA CYS B 322 20.18 17.23 -1.27
CA CYS B 322 20.16 17.21 -1.21
C CYS B 322 21.37 16.72 -0.44
C CYS B 322 21.39 16.70 -0.47
N PRO B 323 22.28 17.61 -0.02
CA PRO B 323 23.42 17.15 0.76
C PRO B 323 23.06 16.65 2.14
N VAL B 324 23.89 15.75 2.65
CA VAL B 324 23.74 15.17 3.97
C VAL B 324 24.96 15.56 4.80
N HIS B 325 24.75 16.02 6.03
CA HIS B 325 25.88 16.40 6.91
C HIS B 325 25.98 15.58 8.21
N ARG B 326 24.97 14.76 8.50
CA ARG B 326 24.99 13.99 9.73
C ARG B 326 24.10 12.75 9.63
N ILE B 327 24.58 11.65 10.20
CA ILE B 327 23.81 10.40 10.29
C ILE B 327 23.88 9.88 11.71
N LEU B 328 22.72 9.65 12.32
CA LEU B 328 22.59 9.06 13.67
C LEU B 328 22.42 7.55 13.54
N TYR B 329 23.44 6.82 13.94
CA TYR B 329 23.49 5.37 13.80
C TYR B 329 23.91 4.77 15.13
N LYS B 330 23.17 3.77 15.62
CA LYS B 330 23.48 3.10 16.89
C LYS B 330 23.72 4.11 18.01
N ASP B 331 22.84 5.11 18.09
CA ASP B 331 22.90 6.16 19.09
C ASP B 331 24.18 7.01 19.09
N ARG B 332 24.93 7.02 17.98
CA ARG B 332 26.05 7.95 17.85
C ARG B 332 25.98 8.75 16.53
N ASN B 333 26.31 10.04 16.62
CA ASN B 333 26.22 10.92 15.48
C ASN B 333 27.47 10.87 14.64
N LEU B 334 27.29 10.58 13.36
CA LEU B 334 28.36 10.52 12.39
C LEU B 334 28.30 11.81 11.58
N HIS B 335 29.37 12.59 11.64
CA HIS B 335 29.43 13.80 10.86
C HIS B 335 29.87 13.43 9.46
N ILE B 336 29.18 13.98 8.46
CA ILE B 336 29.48 13.70 7.07
C ILE B 336 30.00 14.99 6.46
N PRO B 337 31.26 15.02 6.01
CA PRO B 337 31.89 16.28 5.57
C PRO B 337 31.50 16.82 4.18
N THR B 338 30.26 16.55 3.76
CA THR B 338 29.79 17.02 2.45
C THR B 338 29.97 18.51 2.19
N MET B 339 29.47 19.36 3.08
CA MET B 339 29.60 20.83 2.89
C MET B 339 31.07 21.30 2.93
N GLU B 340 31.91 20.64 3.71
CA GLU B 340 33.35 20.93 3.76
C GLU B 340 34.02 20.74 2.41
N ASN B 341 33.48 19.81 1.60
CA ASN B 341 34.06 19.48 0.31
C ASN B 341 33.48 20.29 -0.85
N GLY B 342 32.89 21.45 -0.53
CA GLY B 342 32.32 22.38 -1.50
C GLY B 342 30.88 22.77 -1.21
N PRO B 343 29.92 21.87 -1.45
CA PRO B 343 30.10 20.52 -1.99
C PRO B 343 30.25 20.60 -3.51
N GLU B 344 31.49 20.37 -3.97
CA GLU B 344 31.87 20.59 -5.36
C GLU B 344 31.05 19.77 -6.35
N LEU B 345 30.91 18.47 -6.10
CA LEU B 345 30.19 17.62 -7.06
C LEU B 345 28.73 17.97 -7.08
N ILE B 346 28.14 18.17 -5.90
CA ILE B 346 26.75 18.59 -5.83
C ILE B 346 26.49 19.89 -6.59
N LEU B 347 27.33 20.90 -6.36
CA LEU B 347 27.17 22.17 -7.07
C LEU B 347 27.30 22.06 -8.59
N ARG B 348 28.23 21.22 -9.03
CA ARG B 348 28.46 21.00 -10.46
C ARG B 348 27.24 20.31 -11.08
N PHE B 349 26.72 19.29 -10.39
CA PHE B 349 25.48 18.61 -10.82
C PHE B 349 24.31 19.61 -10.92
N GLN B 350 24.11 20.41 -9.88
CA GLN B 350 23.01 21.36 -9.87
C GLN B 350 23.10 22.39 -10.99
N LYS B 351 24.31 22.85 -11.28
CA LYS B 351 24.49 23.85 -12.33
C LYS B 351 24.21 23.27 -13.70
N GLU B 352 24.75 22.08 -13.98
CA GLU B 352 24.51 21.43 -15.27
C GLU B 352 23.04 21.09 -15.47
N LEU B 353 22.39 20.51 -14.44
CA LEU B 353 20.94 20.27 -14.51
C LEU B 353 20.14 21.54 -14.76
N LYS B 354 20.44 22.61 -14.02
CA LYS B 354 19.76 23.88 -14.19
C LYS B 354 19.91 24.39 -15.64
N GLU B 355 21.13 24.31 -16.18
CA GLU B 355 21.38 24.85 -17.52
C GLU B 355 20.58 24.08 -18.56
N ILE B 356 20.50 22.76 -18.40
CA ILE B 356 19.72 21.90 -19.27
C ILE B 356 18.23 22.18 -19.08
N GLN B 357 17.77 22.16 -17.83
CA GLN B 357 16.33 22.27 -17.55
C GLN B 357 15.70 23.61 -17.96
N TYR B 358 16.42 24.71 -17.79
CA TYR B 358 15.92 26.05 -18.15
C TYR B 358 16.31 26.48 -19.58
N GLY B 359 16.87 25.56 -20.35
CA GLY B 359 17.16 25.79 -21.76
C GLY B 359 18.46 26.53 -22.09
N ILE B 360 19.30 26.81 -21.10
CA ILE B 360 20.58 27.53 -21.30
C ILE B 360 21.50 26.73 -22.25
N ARG B 361 21.45 25.40 -22.14
CA ARG B 361 22.14 24.49 -23.04
C ARG B 361 21.08 23.61 -23.69
N ALA B 362 21.08 23.52 -25.01
CA ALA B 362 20.17 22.61 -25.68
C ALA B 362 20.49 21.16 -25.28
N HIS B 363 19.46 20.33 -25.19
CA HIS B 363 19.68 18.98 -24.77
C HIS B 363 18.51 18.09 -25.11
N GLU B 364 18.83 16.89 -25.60
CA GLU B 364 17.79 15.92 -25.98
C GLU B 364 16.97 15.42 -24.79
N TRP B 365 17.43 15.69 -23.58
CA TRP B 365 16.66 15.30 -22.37
C TRP B 365 15.39 16.09 -22.20
N MET B 366 15.32 17.28 -22.80
CA MET B 366 14.20 18.16 -22.59
C MET B 366 13.17 18.01 -23.69
N PHE B 367 11.91 17.94 -23.29
CA PHE B 367 10.78 17.70 -24.20
C PHE B 367 9.95 18.98 -24.23
N PRO B 368 9.90 19.67 -25.38
CA PRO B 368 9.16 20.94 -25.39
C PRO B 368 7.63 20.75 -25.37
N VAL B 369 6.96 21.64 -24.67
CA VAL B 369 5.51 21.65 -24.61
C VAL B 369 4.96 22.58 -25.69
#